data_6KNT
#
_entry.id   6KNT
#
_cell.length_a   202.754
_cell.length_b   202.754
_cell.length_c   202.754
_cell.angle_alpha   90.00
_cell.angle_beta   90.00
_cell.angle_gamma   90.00
#
_symmetry.space_group_name_H-M   'P 43 3 2'
#
loop_
_entity.id
_entity.type
_entity.pdbx_description
1 polymer 'Putative metal-dependent hydrolase'
2 non-polymer 'ZINC ION'
3 water water
#
_entity_poly.entity_id   1
_entity_poly.type   'polypeptide(L)'
_entity_poly.pdbx_seq_one_letter_code
;GSAKDPMKVTVIGCYGGFPAANEATSGYLFQSGDYSLLVDCGSAVLSKLFGYVPAEKLDAVILSHYHHDHIADIGPLQFA
KQVGSFLGKGEHTLPIYGHDADIEQFQKLTYKTHTKGIAFQPDQPLTAGPFTITFLKTIHPVTCYAMRITDGSHTVVYTA
DSSYQDSFIPFSENADLLISECNFYADQDGTSAGHMNSLEAGRIAKEAGAGELLLTHLPHFGVHDNLRKEAKTVFSGEVN
IAKSGFVWEG
;
_entity_poly.pdbx_strand_id   A,B,C,D
#
loop_
_chem_comp.id
_chem_comp.type
_chem_comp.name
_chem_comp.formula
ZN non-polymer 'ZINC ION' 'Zn 2'
#
# COMPACT_ATOMS: atom_id res chain seq x y z
N ASP A 5 3.66 3.00 -41.97
CA ASP A 5 3.69 2.26 -40.67
C ASP A 5 2.26 1.87 -40.25
N PRO A 6 1.98 0.55 -40.20
CA PRO A 6 0.65 0.15 -39.77
C PRO A 6 0.56 0.10 -38.26
N MET A 7 -0.66 0.25 -37.74
CA MET A 7 -0.97 0.09 -36.35
C MET A 7 -1.28 -1.40 -36.11
N LYS A 8 -0.72 -1.97 -35.06
CA LYS A 8 -0.82 -3.38 -34.83
C LYS A 8 -1.12 -3.64 -33.36
N VAL A 9 -2.20 -4.37 -33.10
CA VAL A 9 -2.53 -4.76 -31.74
C VAL A 9 -2.36 -6.26 -31.60
N THR A 10 -1.62 -6.65 -30.56
CA THR A 10 -1.44 -8.06 -30.21
C THR A 10 -1.99 -8.25 -28.81
N VAL A 11 -2.99 -9.12 -28.68
CA VAL A 11 -3.52 -9.49 -27.38
C VAL A 11 -2.45 -10.24 -26.61
N ILE A 12 -2.10 -9.79 -25.42
CA ILE A 12 -1.13 -10.51 -24.60
C ILE A 12 -1.85 -11.38 -23.53
N GLY A 13 -2.83 -10.79 -22.86
CA GLY A 13 -3.65 -11.56 -21.93
C GLY A 13 -5.06 -11.05 -22.02
N CYS A 14 -6.04 -11.90 -21.77
CA CYS A 14 -7.41 -11.50 -22.07
C CYS A 14 -8.42 -12.06 -21.11
N TYR A 15 -7.99 -12.80 -20.10
CA TYR A 15 -8.95 -13.32 -19.12
C TYR A 15 -9.30 -12.29 -18.06
N GLY A 16 -10.56 -12.31 -17.61
CA GLY A 16 -10.99 -11.53 -16.47
C GLY A 16 -10.62 -12.09 -15.10
N GLY A 17 -10.24 -11.19 -14.19
CA GLY A 17 -10.09 -11.53 -12.78
C GLY A 17 -8.76 -12.19 -12.50
N PHE A 18 -8.52 -13.31 -13.15
CA PHE A 18 -7.38 -14.15 -12.87
C PHE A 18 -7.17 -15.01 -14.12
N PRO A 19 -5.99 -15.60 -14.29
CA PRO A 19 -5.77 -16.26 -15.60
C PRO A 19 -6.26 -17.69 -15.63
N ALA A 20 -6.74 -18.13 -16.81
CA ALA A 20 -6.93 -19.59 -17.05
C ALA A 20 -5.55 -20.22 -17.12
N ALA A 21 -5.49 -21.52 -16.91
CA ALA A 21 -4.25 -22.29 -17.04
C ALA A 21 -3.51 -21.90 -18.32
N ASN A 22 -2.26 -21.48 -18.15
CA ASN A 22 -1.38 -21.10 -19.25
C ASN A 22 -1.77 -19.85 -20.02
N GLU A 23 -2.70 -19.06 -19.48
CA GLU A 23 -3.14 -17.88 -20.19
C GLU A 23 -2.82 -16.67 -19.32
N ALA A 24 -3.47 -15.54 -19.56
CA ALA A 24 -3.06 -14.32 -18.90
C ALA A 24 -4.28 -13.44 -18.66
N THR A 25 -4.13 -12.39 -17.85
CA THR A 25 -5.20 -11.39 -17.76
C THR A 25 -4.84 -10.15 -18.60
N SER A 26 -5.60 -9.07 -18.45
CA SER A 26 -5.53 -7.94 -19.37
C SER A 26 -4.14 -7.41 -19.67
N GLY A 27 -3.73 -7.51 -20.94
CA GLY A 27 -2.57 -6.79 -21.45
C GLY A 27 -2.68 -6.83 -22.95
N TYR A 28 -2.39 -5.69 -23.59
CA TYR A 28 -2.51 -5.53 -25.04
C TYR A 28 -1.34 -4.71 -25.55
N LEU A 29 -0.68 -5.21 -26.59
CA LEU A 29 0.50 -4.61 -27.15
C LEU A 29 0.12 -3.82 -28.39
N PHE A 30 0.29 -2.51 -28.29
CA PHE A 30 0.03 -1.57 -29.39
C PHE A 30 1.34 -1.10 -29.97
N GLN A 31 1.50 -1.32 -31.28
CA GLN A 31 2.74 -1.04 -31.97
C GLN A 31 2.54 -0.24 -33.23
N SER A 32 3.41 0.75 -33.41
CA SER A 32 3.46 1.52 -34.63
C SER A 32 4.92 1.91 -34.91
N GLY A 33 5.44 1.50 -36.06
CA GLY A 33 6.82 1.78 -36.42
C GLY A 33 7.68 1.06 -35.40
N ASP A 34 8.61 1.79 -34.78
CA ASP A 34 9.44 1.25 -33.70
C ASP A 34 8.83 1.41 -32.29
N TYR A 35 7.68 2.06 -32.19
CA TYR A 35 7.13 2.34 -30.87
C TYR A 35 6.29 1.15 -30.35
N SER A 36 6.47 0.78 -29.07
CA SER A 36 5.66 -0.27 -28.43
C SER A 36 5.01 0.24 -27.17
N LEU A 37 3.67 0.19 -27.15
CA LEU A 37 2.88 0.65 -26.02
C LEU A 37 2.16 -0.55 -25.42
N LEU A 38 2.29 -0.77 -24.12
CA LEU A 38 1.55 -1.83 -23.39
C LEU A 38 0.35 -1.24 -22.65
N VAL A 39 -0.85 -1.73 -22.98
CA VAL A 39 -2.10 -1.26 -22.38
C VAL A 39 -2.55 -2.30 -21.37
N ASP A 40 -2.47 -1.93 -20.08
CA ASP A 40 -2.73 -2.81 -18.96
C ASP A 40 -1.65 -3.91 -18.82
N CYS A 41 -1.49 -4.44 -17.59
CA CYS A 41 -0.30 -5.19 -17.22
C CYS A 41 -0.64 -6.16 -16.10
N GLY A 42 -1.58 -7.05 -16.38
CA GLY A 42 -2.06 -8.01 -15.40
C GLY A 42 -1.24 -9.27 -15.24
N SER A 43 -1.90 -10.32 -14.78
CA SER A 43 -1.24 -11.54 -14.38
C SER A 43 -0.71 -12.31 -15.59
N ALA A 44 0.54 -12.73 -15.51
CA ALA A 44 1.24 -13.45 -16.59
C ALA A 44 1.39 -12.61 -17.86
N VAL A 45 1.07 -11.34 -17.80
CA VAL A 45 1.26 -10.48 -18.97
C VAL A 45 2.72 -10.34 -19.41
N LEU A 46 3.67 -10.10 -18.49
CA LEU A 46 5.08 -9.93 -18.89
C LEU A 46 5.66 -11.18 -19.53
N SER A 47 5.48 -12.30 -18.85
CA SER A 47 5.87 -13.58 -19.36
C SER A 47 5.50 -13.74 -20.83
N LYS A 48 4.26 -13.38 -21.17
CA LYS A 48 3.81 -13.53 -22.55
C LYS A 48 4.39 -12.41 -23.39
N LEU A 49 4.35 -11.18 -22.87
CA LEU A 49 4.78 -10.03 -23.62
C LEU A 49 6.21 -10.20 -24.14
N PHE A 50 7.09 -10.73 -23.30
CA PHE A 50 8.51 -10.85 -23.66
C PHE A 50 8.77 -11.85 -24.78
N GLY A 51 7.76 -12.65 -25.13
CA GLY A 51 7.78 -13.50 -26.34
C GLY A 51 7.62 -12.67 -27.62
N TYR A 52 7.17 -11.42 -27.49
CA TYR A 52 6.94 -10.54 -28.63
C TYR A 52 7.90 -9.38 -28.64
N VAL A 53 8.11 -8.73 -27.49
CA VAL A 53 9.01 -7.59 -27.44
C VAL A 53 9.73 -7.65 -26.09
N PRO A 54 11.08 -7.53 -26.09
CA PRO A 54 11.87 -7.47 -24.85
C PRO A 54 11.62 -6.22 -24.01
N ALA A 55 11.86 -6.32 -22.70
CA ALA A 55 11.54 -5.24 -21.77
C ALA A 55 12.13 -3.91 -22.23
N GLU A 56 13.39 -3.93 -22.66
CA GLU A 56 14.05 -2.69 -23.03
C GLU A 56 13.46 -2.01 -24.29
N LYS A 57 12.72 -2.75 -25.13
CA LYS A 57 12.13 -2.15 -26.33
C LYS A 57 10.71 -1.62 -26.08
N LEU A 58 10.21 -1.79 -24.87
CA LEU A 58 8.93 -1.22 -24.49
C LEU A 58 9.07 0.29 -24.27
N ASP A 59 8.24 1.08 -24.93
CA ASP A 59 8.37 2.53 -24.87
C ASP A 59 7.51 3.17 -23.76
N ALA A 60 6.41 2.52 -23.42
CA ALA A 60 5.49 3.06 -22.44
C ALA A 60 4.45 2.02 -22.04
N VAL A 61 3.84 2.27 -20.86
CA VAL A 61 2.72 1.50 -20.37
C VAL A 61 1.61 2.47 -20.03
N ILE A 62 0.37 2.05 -20.23
CA ILE A 62 -0.77 2.87 -19.77
C ILE A 62 -1.72 1.92 -19.11
N LEU A 63 -2.36 2.38 -18.04
CA LEU A 63 -3.17 1.51 -17.20
C LEU A 63 -4.59 2.06 -17.04
N SER A 64 -5.60 1.25 -17.33
CA SER A 64 -6.97 1.74 -17.29
C SER A 64 -7.45 1.96 -15.86
N HIS A 65 -7.00 1.09 -14.97
CA HIS A 65 -7.43 1.12 -13.56
C HIS A 65 -6.58 0.19 -12.70
N TYR A 66 -6.73 0.27 -11.39
CA TYR A 66 -5.81 -0.41 -10.51
C TYR A 66 -6.38 -1.67 -9.91
N HIS A 67 -7.11 -2.46 -10.70
CA HIS A 67 -7.52 -3.77 -10.22
C HIS A 67 -6.37 -4.73 -10.48
N HIS A 68 -6.21 -5.73 -9.61
CA HIS A 68 -5.12 -6.69 -9.68
C HIS A 68 -4.90 -7.25 -11.07
N ASP A 69 -5.99 -7.59 -11.75
CA ASP A 69 -5.88 -8.23 -13.04
C ASP A 69 -5.47 -7.25 -14.15
N HIS A 70 -5.29 -5.98 -13.83
CA HIS A 70 -4.72 -5.04 -14.79
C HIS A 70 -3.33 -4.51 -14.39
N ILE A 71 -2.86 -4.83 -13.19
CA ILE A 71 -1.63 -4.24 -12.67
C ILE A 71 -0.68 -5.21 -11.95
N ALA A 72 -1.07 -6.47 -11.78
CA ALA A 72 -0.29 -7.42 -10.99
C ALA A 72 1.19 -7.50 -11.41
N ASP A 73 1.45 -7.33 -12.70
CA ASP A 73 2.81 -7.40 -13.24
C ASP A 73 3.61 -6.09 -13.21
N ILE A 74 3.00 -5.01 -12.72
CA ILE A 74 3.76 -3.76 -12.62
C ILE A 74 5.09 -3.89 -11.83
N GLY A 75 5.07 -4.49 -10.65
CA GLY A 75 6.27 -4.56 -9.82
C GLY A 75 7.34 -5.43 -10.47
N PRO A 76 6.95 -6.61 -11.00
CA PRO A 76 7.89 -7.38 -11.81
C PRO A 76 8.46 -6.57 -13.00
N LEU A 77 7.64 -5.75 -13.64
CA LEU A 77 8.14 -4.89 -14.74
C LEU A 77 9.16 -3.87 -14.23
N GLN A 78 8.93 -3.37 -13.02
CA GLN A 78 9.87 -2.44 -12.40
C GLN A 78 11.17 -3.15 -12.16
N PHE A 79 11.11 -4.40 -11.74
CA PHE A 79 12.35 -5.16 -11.54
C PHE A 79 13.06 -5.47 -12.86
N ALA A 80 12.29 -5.72 -13.91
CA ALA A 80 12.85 -5.95 -15.24
C ALA A 80 13.66 -4.74 -15.69
N LYS A 81 13.09 -3.54 -15.53
CA LYS A 81 13.80 -2.30 -15.83
C LYS A 81 15.08 -2.09 -15.01
N GLN A 82 15.04 -2.43 -13.73
CA GLN A 82 16.22 -2.24 -12.88
C GLN A 82 17.38 -3.16 -13.34
N VAL A 83 17.05 -4.42 -13.62
CA VAL A 83 18.05 -5.41 -14.03
C VAL A 83 18.57 -5.07 -15.41
N GLY A 84 17.65 -4.77 -16.33
CA GLY A 84 18.00 -4.27 -17.65
C GLY A 84 19.07 -3.19 -17.55
N SER A 85 18.87 -2.28 -16.61
CA SER A 85 19.81 -1.17 -16.38
C SER A 85 21.20 -1.63 -15.92
N PHE A 86 21.24 -2.52 -14.94
CA PHE A 86 22.52 -3.10 -14.48
C PHE A 86 23.13 -4.04 -15.52
N LEU A 87 22.34 -4.50 -16.50
CA LEU A 87 22.90 -5.31 -17.59
C LEU A 87 23.44 -4.48 -18.77
N GLY A 88 23.11 -3.19 -18.78
CA GLY A 88 23.44 -2.32 -19.93
C GLY A 88 22.55 -2.61 -21.14
N LYS A 89 21.31 -3.03 -20.90
CA LYS A 89 20.30 -3.06 -21.95
C LYS A 89 19.68 -1.66 -22.07
N GLY A 90 20.50 -0.63 -21.86
CA GLY A 90 20.10 0.77 -22.04
C GLY A 90 19.37 1.32 -20.81
N GLU A 91 19.77 2.53 -20.42
CA GLU A 91 19.36 3.09 -19.13
C GLU A 91 18.02 3.86 -19.12
N HIS A 92 17.27 3.84 -20.24
CA HIS A 92 16.03 4.65 -20.42
C HIS A 92 14.86 4.40 -19.46
N THR A 93 14.41 5.48 -18.82
CA THR A 93 13.24 5.40 -17.92
C THR A 93 11.94 5.05 -18.65
N LEU A 94 11.19 4.08 -18.11
CA LEU A 94 9.93 3.65 -18.71
C LEU A 94 8.70 4.43 -18.15
N PRO A 95 8.06 5.24 -19.00
CA PRO A 95 6.90 5.90 -18.44
C PRO A 95 5.73 4.96 -18.30
N ILE A 96 5.06 5.02 -17.16
CA ILE A 96 3.81 4.32 -16.96
C ILE A 96 2.72 5.35 -16.70
N TYR A 97 1.77 5.47 -17.61
CA TYR A 97 0.67 6.41 -17.46
C TYR A 97 -0.50 5.79 -16.68
N GLY A 98 -1.05 6.53 -15.71
CA GLY A 98 -2.28 6.11 -15.03
C GLY A 98 -3.01 7.34 -14.53
N HIS A 99 -4.18 7.15 -13.94
CA HIS A 99 -4.84 8.28 -13.31
C HIS A 99 -4.26 8.43 -11.91
N ASP A 100 -4.27 9.66 -11.40
CA ASP A 100 -3.63 9.98 -10.13
C ASP A 100 -4.62 10.29 -9.03
N ALA A 101 -5.91 10.05 -9.27
CA ALA A 101 -6.94 10.27 -8.24
C ALA A 101 -6.79 9.27 -7.09
N ASP A 102 -6.23 8.11 -7.38
CA ASP A 102 -5.92 7.14 -6.35
C ASP A 102 -4.41 7.26 -6.10
N ILE A 103 -4.08 8.05 -5.09
CA ILE A 103 -2.76 8.55 -4.84
C ILE A 103 -1.77 7.43 -4.61
N GLU A 104 -2.11 6.51 -3.72
CA GLU A 104 -1.17 5.43 -3.37
C GLU A 104 -0.90 4.49 -4.56
N GLN A 105 -1.92 4.17 -5.34
CA GLN A 105 -1.68 3.32 -6.52
C GLN A 105 -0.79 4.03 -7.53
N PHE A 106 -1.05 5.32 -7.73
CA PHE A 106 -0.26 6.08 -8.66
C PHE A 106 1.19 6.23 -8.20
N GLN A 107 1.43 6.42 -6.90
CA GLN A 107 2.81 6.54 -6.37
C GLN A 107 3.62 5.28 -6.65
N LYS A 108 2.95 4.12 -6.68
CA LYS A 108 3.64 2.86 -6.89
C LYS A 108 4.13 2.69 -8.31
N LEU A 109 3.80 3.64 -9.21
CA LEU A 109 4.19 3.54 -10.61
C LEU A 109 5.61 4.02 -10.80
N THR A 110 6.10 4.71 -9.80
CA THR A 110 7.41 5.28 -9.90
C THR A 110 8.39 4.46 -9.10
N TYR A 111 9.43 3.98 -9.77
CA TYR A 111 10.42 3.15 -9.13
C TYR A 111 11.84 3.59 -9.47
N LYS A 112 12.49 4.24 -8.50
CA LYS A 112 13.83 4.81 -8.66
C LYS A 112 13.95 5.64 -9.98
N THR A 113 14.93 5.36 -10.84
CA THR A 113 15.02 6.01 -12.17
C THR A 113 14.55 5.07 -13.28
N HIS A 114 13.88 3.98 -12.91
CA HIS A 114 13.61 2.89 -13.85
C HIS A 114 12.25 2.96 -14.49
N THR A 115 11.26 3.31 -13.69
CA THR A 115 9.93 3.61 -14.24
C THR A 115 9.47 4.90 -13.60
N LYS A 116 8.54 5.55 -14.29
CA LYS A 116 8.12 6.87 -13.94
C LYS A 116 6.64 6.94 -14.16
N GLY A 117 5.91 7.26 -13.09
CA GLY A 117 4.47 7.40 -13.19
C GLY A 117 4.14 8.73 -13.82
N ILE A 118 3.29 8.75 -14.85
CA ILE A 118 2.83 10.01 -15.41
C ILE A 118 1.32 10.01 -15.44
N ALA A 119 0.73 11.03 -14.81
CA ALA A 119 -0.71 11.18 -14.74
C ALA A 119 -1.25 11.49 -16.12
N PHE A 120 -2.13 10.67 -16.67
CA PHE A 120 -2.94 11.17 -17.78
C PHE A 120 -4.16 11.93 -17.25
N GLN A 121 -4.67 12.87 -18.03
CA GLN A 121 -5.84 13.65 -17.67
C GLN A 121 -7.03 13.19 -18.47
N PRO A 122 -8.11 12.76 -17.81
CA PRO A 122 -9.28 12.19 -18.52
C PRO A 122 -9.91 13.10 -19.57
N ASP A 123 -9.82 14.40 -19.39
CA ASP A 123 -10.50 15.36 -20.26
C ASP A 123 -9.54 15.92 -21.30
N GLN A 124 -8.32 15.42 -21.34
CA GLN A 124 -7.42 15.92 -22.33
C GLN A 124 -6.66 14.77 -23.03
N PRO A 125 -6.55 14.85 -24.36
CA PRO A 125 -5.89 13.77 -25.10
C PRO A 125 -4.42 13.63 -24.73
N LEU A 126 -3.93 12.40 -24.63
CA LEU A 126 -2.54 12.10 -24.36
C LEU A 126 -1.85 11.74 -25.64
N THR A 127 -0.65 12.26 -25.81
CA THR A 127 0.23 11.86 -26.89
C THR A 127 1.28 10.91 -26.32
N ALA A 128 1.38 9.72 -26.89
CA ALA A 128 2.39 8.75 -26.52
C ALA A 128 2.99 8.27 -27.82
N GLY A 129 4.11 8.88 -28.18
CA GLY A 129 4.74 8.67 -29.47
C GLY A 129 3.77 8.93 -30.61
N PRO A 130 3.58 7.92 -31.47
CA PRO A 130 2.73 8.06 -32.64
C PRO A 130 1.24 7.93 -32.31
N PHE A 131 0.90 7.73 -31.05
CA PHE A 131 -0.48 7.53 -30.66
C PHE A 131 -1.12 8.75 -29.97
N THR A 132 -2.40 8.95 -30.22
CA THR A 132 -3.14 9.88 -29.42
C THR A 132 -4.19 9.04 -28.72
N ILE A 133 -4.39 9.32 -27.44
CA ILE A 133 -5.32 8.54 -26.62
C ILE A 133 -6.30 9.48 -25.92
N THR A 134 -7.60 9.20 -26.06
CA THR A 134 -8.64 9.92 -25.38
C THR A 134 -9.41 8.97 -24.45
N PHE A 135 -10.06 9.52 -23.45
CA PHE A 135 -10.49 8.72 -22.31
C PHE A 135 -11.97 8.88 -22.12
N LEU A 136 -12.60 7.83 -21.61
CA LEU A 136 -13.97 7.87 -21.16
C LEU A 136 -14.04 7.15 -19.81
N LYS A 137 -14.55 7.85 -18.80
CA LYS A 137 -14.75 7.20 -17.53
C LYS A 137 -15.79 6.10 -17.66
N THR A 138 -15.53 4.93 -17.08
CA THR A 138 -16.46 3.78 -17.15
C THR A 138 -17.25 3.59 -15.88
N ILE A 139 -18.30 2.75 -15.94
CA ILE A 139 -19.04 2.38 -14.74
C ILE A 139 -18.50 1.04 -14.21
N HIS A 140 -17.68 1.10 -13.17
CA HIS A 140 -16.93 -0.04 -12.63
C HIS A 140 -16.77 0.35 -11.17
N PRO A 141 -16.50 -0.61 -10.25
CA PRO A 141 -16.49 -0.21 -8.82
C PRO A 141 -15.27 0.61 -8.40
N VAL A 142 -14.24 0.66 -9.24
CA VAL A 142 -13.13 1.62 -9.04
C VAL A 142 -13.05 2.55 -10.23
N THR A 143 -12.48 3.73 -10.02
CA THR A 143 -12.20 4.68 -11.09
C THR A 143 -11.48 3.93 -12.22
N CYS A 144 -11.95 4.09 -13.45
CA CYS A 144 -11.46 3.33 -14.60
C CYS A 144 -11.76 4.08 -15.91
N TYR A 145 -10.86 3.97 -16.89
CA TYR A 145 -10.95 4.72 -18.14
C TYR A 145 -10.78 3.87 -19.38
N ALA A 146 -11.79 3.97 -20.24
CA ALA A 146 -11.73 3.40 -21.56
C ALA A 146 -10.86 4.33 -22.39
N MET A 147 -10.39 3.82 -23.53
CA MET A 147 -9.35 4.48 -24.29
C MET A 147 -9.66 4.44 -25.78
N ARG A 148 -9.58 5.61 -26.43
CA ARG A 148 -9.65 5.68 -27.87
C ARG A 148 -8.22 5.96 -28.34
N ILE A 149 -7.63 4.98 -29.02
CA ILE A 149 -6.24 5.05 -29.40
C ILE A 149 -6.13 5.14 -30.93
N THR A 150 -5.57 6.25 -31.39
CA THR A 150 -5.35 6.45 -32.83
C THR A 150 -3.90 6.78 -33.20
N ASP A 151 -3.51 6.45 -34.44
CA ASP A 151 -2.21 6.85 -34.96
C ASP A 151 -2.35 7.89 -36.06
N GLY A 152 -3.58 8.38 -36.23
CA GLY A 152 -3.92 9.27 -37.33
C GLY A 152 -4.58 8.62 -38.55
N SER A 153 -4.51 7.30 -38.68
CA SER A 153 -5.15 6.63 -39.85
C SER A 153 -6.12 5.59 -39.40
N HIS A 154 -5.82 4.96 -38.27
CA HIS A 154 -6.69 3.94 -37.70
C HIS A 154 -6.96 4.25 -36.23
N THR A 155 -8.07 3.72 -35.73
CA THR A 155 -8.53 3.97 -34.38
C THR A 155 -8.97 2.65 -33.79
N VAL A 156 -8.48 2.38 -32.60
CA VAL A 156 -8.86 1.24 -31.84
C VAL A 156 -9.38 1.76 -30.51
N VAL A 157 -10.55 1.28 -30.12
CA VAL A 157 -11.13 1.59 -28.83
C VAL A 157 -11.05 0.38 -27.90
N TYR A 158 -10.58 0.64 -26.69
CA TYR A 158 -10.53 -0.37 -25.67
C TYR A 158 -11.51 0.09 -24.56
N THR A 159 -12.47 -0.77 -24.21
CA THR A 159 -13.47 -0.36 -23.24
C THR A 159 -12.91 -0.39 -21.82
N ALA A 160 -11.75 -1.03 -21.63
CA ALA A 160 -11.32 -1.41 -20.28
C ALA A 160 -12.53 -2.11 -19.59
N ASP A 161 -12.69 -1.94 -18.28
CA ASP A 161 -13.76 -2.63 -17.56
C ASP A 161 -14.93 -1.69 -17.34
N SER A 162 -16.14 -2.16 -17.65
CA SER A 162 -17.33 -1.34 -17.47
C SER A 162 -18.63 -2.13 -17.57
N SER A 163 -19.66 -1.58 -16.92
CA SER A 163 -21.03 -1.98 -17.24
C SER A 163 -21.51 -1.05 -18.36
N TYR A 164 -22.65 -1.38 -18.95
CA TYR A 164 -23.06 -0.71 -20.18
C TYR A 164 -23.44 0.76 -19.95
N GLN A 165 -23.03 1.63 -20.89
CA GLN A 165 -23.51 3.01 -20.94
C GLN A 165 -23.59 3.51 -22.37
N ASP A 166 -24.63 4.29 -22.67
CA ASP A 166 -24.81 4.85 -24.02
C ASP A 166 -23.61 5.66 -24.51
N SER A 167 -22.85 6.25 -23.58
CA SER A 167 -21.72 7.10 -23.98
C SER A 167 -20.58 6.33 -24.69
N PHE A 168 -20.55 4.99 -24.56
CA PHE A 168 -19.60 4.21 -25.33
C PHE A 168 -19.77 4.39 -26.86
N ILE A 169 -20.98 4.72 -27.28
CA ILE A 169 -21.28 4.75 -28.68
C ILE A 169 -20.64 5.99 -29.36
N PRO A 170 -20.96 7.22 -28.90
CA PRO A 170 -20.22 8.35 -29.55
C PRO A 170 -18.71 8.24 -29.37
N PHE A 171 -18.28 7.72 -28.22
CA PHE A 171 -16.88 7.50 -27.92
C PHE A 171 -16.17 6.50 -28.83
N SER A 172 -16.87 5.45 -29.27
CA SER A 172 -16.30 4.42 -30.15
C SER A 172 -16.56 4.72 -31.64
N GLU A 173 -17.16 5.86 -31.93
CA GLU A 173 -17.60 6.17 -33.31
C GLU A 173 -16.56 5.87 -34.38
N ASN A 174 -16.97 5.11 -35.39
CA ASN A 174 -16.13 4.68 -36.52
C ASN A 174 -14.76 4.02 -36.16
N ALA A 175 -14.61 3.52 -34.94
CA ALA A 175 -13.39 2.75 -34.62
C ALA A 175 -13.19 1.62 -35.65
N ASP A 176 -11.97 1.42 -36.10
CA ASP A 176 -11.67 0.25 -36.92
C ASP A 176 -11.82 -1.05 -36.11
N LEU A 177 -11.45 -1.00 -34.83
CA LEU A 177 -11.54 -2.15 -33.94
C LEU A 177 -12.04 -1.74 -32.57
N LEU A 178 -13.04 -2.46 -32.09
CA LEU A 178 -13.52 -2.26 -30.78
C LEU A 178 -13.13 -3.52 -29.99
N ILE A 179 -12.28 -3.31 -28.98
CA ILE A 179 -11.94 -4.31 -28.01
C ILE A 179 -12.83 -4.03 -26.81
N SER A 180 -13.85 -4.87 -26.67
CA SER A 180 -14.84 -4.71 -25.65
C SER A 180 -14.76 -5.84 -24.64
N GLU A 181 -14.78 -5.46 -23.37
CA GLU A 181 -14.86 -6.46 -22.33
C GLU A 181 -16.18 -7.18 -22.54
N CYS A 182 -16.22 -8.44 -22.15
CA CYS A 182 -17.38 -9.26 -22.32
C CYS A 182 -17.31 -10.36 -21.27
N ASN A 183 -17.34 -9.97 -20.00
CA ASN A 183 -17.26 -10.90 -18.89
C ASN A 183 -18.52 -11.79 -18.71
N PHE A 184 -19.62 -11.42 -19.35
CA PHE A 184 -20.87 -12.17 -19.19
C PHE A 184 -21.55 -12.58 -20.49
N TYR A 185 -22.43 -13.57 -20.40
CA TYR A 185 -23.22 -14.09 -21.55
C TYR A 185 -24.51 -13.32 -21.72
N ALA A 186 -25.12 -13.49 -22.88
CA ALA A 186 -26.38 -12.84 -23.24
C ALA A 186 -27.47 -12.89 -22.15
N ASP A 187 -27.64 -14.03 -21.48
CA ASP A 187 -28.75 -14.14 -20.50
C ASP A 187 -28.39 -13.63 -19.10
N GLN A 188 -27.25 -12.97 -18.97
CA GLN A 188 -26.75 -12.48 -17.68
C GLN A 188 -26.57 -10.96 -17.64
N ASP A 189 -26.68 -10.41 -16.43
CA ASP A 189 -26.60 -8.99 -16.15
C ASP A 189 -25.33 -8.70 -15.36
N GLY A 190 -24.40 -7.98 -15.96
CA GLY A 190 -23.15 -7.64 -15.29
C GLY A 190 -23.14 -6.30 -14.57
N THR A 191 -24.29 -5.67 -14.42
CA THR A 191 -24.32 -4.36 -13.79
C THR A 191 -23.66 -4.35 -12.41
N SER A 192 -24.04 -5.27 -11.55
CA SER A 192 -23.57 -5.21 -10.17
C SER A 192 -22.06 -5.44 -10.07
N ALA A 193 -21.48 -6.14 -11.04
CA ALA A 193 -20.05 -6.30 -11.05
C ALA A 193 -19.31 -5.21 -11.87
N GLY A 194 -20.05 -4.36 -12.57
CA GLY A 194 -19.44 -3.38 -13.47
C GLY A 194 -18.88 -4.03 -14.73
N HIS A 195 -19.68 -4.86 -15.39
CA HIS A 195 -19.24 -5.61 -16.58
C HIS A 195 -20.35 -5.66 -17.63
N MET A 196 -19.96 -6.03 -18.85
CA MET A 196 -20.90 -6.13 -19.97
C MET A 196 -21.05 -7.55 -20.44
N ASN A 197 -22.18 -7.80 -21.11
CA ASN A 197 -22.37 -9.07 -21.75
C ASN A 197 -22.17 -8.92 -23.26
N SER A 198 -22.29 -10.03 -23.98
CA SER A 198 -22.07 -10.06 -25.42
C SER A 198 -23.08 -9.21 -26.19
N LEU A 199 -24.34 -9.16 -25.74
CA LEU A 199 -25.34 -8.31 -26.43
C LEU A 199 -24.97 -6.84 -26.32
N GLU A 200 -24.49 -6.44 -25.14
CA GLU A 200 -24.04 -5.06 -24.92
C GLU A 200 -22.82 -4.69 -25.77
N ALA A 201 -21.83 -5.59 -25.84
CA ALA A 201 -20.63 -5.36 -26.68
C ALA A 201 -21.05 -5.29 -28.13
N GLY A 202 -21.94 -6.18 -28.55
CA GLY A 202 -22.53 -6.14 -29.88
C GLY A 202 -23.28 -4.83 -30.17
N ARG A 203 -24.03 -4.35 -29.17
CA ARG A 203 -24.73 -3.07 -29.33
C ARG A 203 -23.75 -1.91 -29.56
N ILE A 204 -22.66 -1.87 -28.82
CA ILE A 204 -21.74 -0.76 -29.00
C ILE A 204 -21.14 -0.80 -30.39
N ALA A 205 -20.67 -1.96 -30.82
CA ALA A 205 -20.05 -2.11 -32.15
C ALA A 205 -20.96 -1.64 -33.28
N LYS A 206 -22.22 -2.08 -33.25
CA LYS A 206 -23.20 -1.75 -34.26
C LYS A 206 -23.49 -0.27 -34.30
N GLU A 207 -23.78 0.30 -33.15
CA GLU A 207 -24.27 1.65 -33.06
C GLU A 207 -23.15 2.68 -33.34
N ALA A 208 -21.92 2.38 -32.93
CA ALA A 208 -20.74 3.18 -33.28
C ALA A 208 -20.30 3.04 -34.74
N GLY A 209 -20.73 1.99 -35.43
CA GLY A 209 -20.22 1.67 -36.77
C GLY A 209 -18.74 1.21 -36.76
N ALA A 210 -18.35 0.48 -35.70
CA ALA A 210 -17.07 -0.20 -35.66
C ALA A 210 -16.83 -1.16 -36.83
N GLY A 211 -15.59 -1.27 -37.30
CA GLY A 211 -15.28 -2.13 -38.44
C GLY A 211 -15.23 -3.59 -38.03
N GLU A 212 -15.03 -3.83 -36.74
CA GLU A 212 -14.66 -5.15 -36.24
C GLU A 212 -14.74 -5.15 -34.71
N LEU A 213 -15.11 -6.29 -34.15
CA LEU A 213 -15.27 -6.39 -32.73
C LEU A 213 -14.44 -7.54 -32.16
N LEU A 214 -13.72 -7.28 -31.09
CA LEU A 214 -12.95 -8.29 -30.38
C LEU A 214 -13.45 -8.39 -28.94
N LEU A 215 -13.87 -9.58 -28.52
CA LEU A 215 -14.42 -9.77 -27.17
C LEU A 215 -13.37 -10.28 -26.20
N THR A 216 -13.22 -9.57 -25.09
CA THR A 216 -12.13 -9.85 -24.17
C THR A 216 -12.58 -9.83 -22.71
N HIS A 217 -11.63 -9.82 -21.76
CA HIS A 217 -11.93 -9.95 -20.32
C HIS A 217 -12.88 -11.17 -20.08
N LEU A 218 -12.48 -12.29 -20.64
CA LEU A 218 -13.32 -13.48 -20.76
C LEU A 218 -13.63 -14.16 -19.42
N PRO A 219 -14.83 -14.79 -19.34
CA PRO A 219 -15.33 -15.52 -18.19
C PRO A 219 -14.65 -16.88 -18.02
N HIS A 220 -14.74 -17.43 -16.80
CA HIS A 220 -14.19 -18.75 -16.54
C HIS A 220 -15.22 -19.86 -16.52
N PHE A 221 -16.20 -19.80 -17.41
CA PHE A 221 -17.29 -20.80 -17.50
C PHE A 221 -17.96 -20.58 -18.87
N GLY A 222 -18.87 -21.48 -19.26
CA GLY A 222 -19.59 -21.37 -20.52
C GLY A 222 -18.73 -21.68 -21.74
N VAL A 223 -19.34 -21.60 -22.92
CA VAL A 223 -18.63 -21.78 -24.17
C VAL A 223 -18.37 -20.40 -24.79
N HIS A 224 -17.11 -19.98 -24.79
CA HIS A 224 -16.72 -18.67 -25.25
C HIS A 224 -17.27 -18.37 -26.64
N ASP A 225 -17.32 -19.39 -27.49
CA ASP A 225 -17.82 -19.17 -28.83
C ASP A 225 -19.28 -18.71 -28.83
N ASN A 226 -20.03 -19.08 -27.80
CA ASN A 226 -21.37 -18.54 -27.62
C ASN A 226 -21.38 -17.02 -27.50
N LEU A 227 -20.33 -16.44 -26.92
CA LEU A 227 -20.20 -14.98 -26.82
C LEU A 227 -20.12 -14.33 -28.20
N ARG A 228 -19.41 -14.98 -29.13
CA ARG A 228 -19.29 -14.54 -30.50
C ARG A 228 -20.65 -14.61 -31.19
N LYS A 229 -21.35 -15.74 -31.10
CA LYS A 229 -22.64 -15.88 -31.78
C LYS A 229 -23.64 -14.86 -31.24
N GLU A 230 -23.60 -14.64 -29.93
CA GLU A 230 -24.54 -13.72 -29.30
C GLU A 230 -24.30 -12.28 -29.79
N ALA A 231 -23.05 -11.87 -29.83
CA ALA A 231 -22.73 -10.53 -30.32
C ALA A 231 -23.16 -10.38 -31.80
N LYS A 232 -22.97 -11.44 -32.57
CA LYS A 232 -23.31 -11.47 -34.00
C LYS A 232 -24.82 -11.37 -34.27
N THR A 233 -25.66 -11.54 -33.24
CA THR A 233 -27.09 -11.31 -33.44
C THR A 233 -27.40 -9.80 -33.47
N VAL A 234 -26.43 -9.00 -33.06
CA VAL A 234 -26.64 -7.56 -32.99
C VAL A 234 -25.81 -6.84 -34.05
N PHE A 235 -24.54 -7.18 -34.12
CA PHE A 235 -23.57 -6.50 -34.95
C PHE A 235 -23.29 -7.36 -36.18
N SER A 236 -23.24 -6.73 -37.36
CA SER A 236 -23.04 -7.50 -38.59
C SER A 236 -21.58 -7.66 -39.06
N GLY A 237 -20.64 -6.95 -38.46
CA GLY A 237 -19.22 -7.11 -38.86
C GLY A 237 -18.50 -8.33 -38.30
N GLU A 238 -17.18 -8.40 -38.51
CA GLU A 238 -16.34 -9.47 -37.96
C GLU A 238 -16.27 -9.46 -36.42
N VAL A 239 -16.45 -10.62 -35.80
CA VAL A 239 -16.36 -10.73 -34.36
C VAL A 239 -15.42 -11.86 -34.01
N ASN A 240 -14.54 -11.65 -33.02
CA ASN A 240 -13.64 -12.72 -32.54
C ASN A 240 -13.53 -12.73 -31.03
N ILE A 241 -13.22 -13.91 -30.51
CA ILE A 241 -12.88 -14.07 -29.13
C ILE A 241 -11.39 -13.80 -28.99
N ALA A 242 -11.01 -12.91 -28.08
CA ALA A 242 -9.61 -12.67 -27.79
C ALA A 242 -8.89 -13.96 -27.31
N LYS A 243 -7.61 -14.09 -27.67
CA LYS A 243 -6.69 -15.00 -26.99
C LYS A 243 -5.29 -14.42 -27.06
N SER A 244 -4.40 -14.89 -26.19
CA SER A 244 -2.98 -14.52 -26.27
C SER A 244 -2.49 -14.82 -27.67
N GLY A 245 -1.90 -13.81 -28.33
CA GLY A 245 -1.31 -13.96 -29.66
C GLY A 245 -2.21 -13.50 -30.79
N PHE A 246 -3.47 -13.21 -30.48
CA PHE A 246 -4.35 -12.66 -31.47
C PHE A 246 -3.84 -11.28 -31.95
N VAL A 247 -3.80 -11.10 -33.26
CA VAL A 247 -3.21 -9.92 -33.86
C VAL A 247 -4.24 -9.21 -34.73
N TRP A 248 -4.35 -7.90 -34.54
CA TRP A 248 -5.11 -7.06 -35.46
C TRP A 248 -4.18 -6.07 -36.09
N GLU A 249 -4.37 -5.77 -37.36
CA GLU A 249 -3.55 -4.76 -38.02
C GLU A 249 -4.34 -4.05 -39.08
N GLY A 250 -4.18 -2.73 -39.16
CA GLY A 250 -4.72 -1.96 -40.28
C GLY A 250 -3.80 -0.84 -40.75
N ASP B 5 2.47 -42.15 0.91
CA ASP B 5 2.28 -40.96 0.03
C ASP B 5 3.57 -40.16 -0.17
N PRO B 6 4.14 -40.21 -1.38
CA PRO B 6 5.43 -39.53 -1.59
C PRO B 6 5.30 -38.01 -1.54
N MET B 7 6.38 -37.36 -1.13
CA MET B 7 6.46 -35.92 -1.12
C MET B 7 6.92 -35.50 -2.51
N LYS B 8 6.23 -34.54 -3.13
CA LYS B 8 6.50 -34.13 -4.51
C LYS B 8 6.65 -32.59 -4.64
N VAL B 9 7.77 -32.15 -5.20
CA VAL B 9 7.97 -30.74 -5.45
C VAL B 9 7.98 -30.50 -6.96
N THR B 10 7.13 -29.59 -7.44
CA THR B 10 7.12 -29.21 -8.85
C THR B 10 7.43 -27.74 -8.91
N VAL B 11 8.46 -27.39 -9.67
CA VAL B 11 8.85 -26.00 -9.89
C VAL B 11 7.79 -25.35 -10.79
N ILE B 12 7.19 -24.28 -10.31
CA ILE B 12 6.19 -23.55 -11.08
C ILE B 12 6.90 -22.39 -11.81
N GLY B 13 7.79 -21.70 -11.08
CA GLY B 13 8.53 -20.59 -11.65
C GLY B 13 9.86 -20.47 -10.93
N CYS B 14 10.88 -19.95 -11.64
CA CYS B 14 12.23 -20.01 -11.11
C CYS B 14 13.18 -18.88 -11.51
N TYR B 15 12.68 -17.86 -12.21
CA TYR B 15 13.54 -16.70 -12.55
C TYR B 15 13.57 -15.68 -11.44
N GLY B 16 14.74 -15.07 -11.27
CA GLY B 16 14.91 -13.99 -10.34
C GLY B 16 14.37 -12.69 -10.93
N GLY B 17 13.68 -11.93 -10.08
CA GLY B 17 13.34 -10.55 -10.38
C GLY B 17 12.07 -10.44 -11.20
N PHE B 18 12.06 -11.10 -12.34
CA PHE B 18 11.05 -10.89 -13.36
C PHE B 18 11.20 -12.07 -14.27
N PRO B 19 10.12 -12.46 -14.98
CA PRO B 19 10.15 -13.67 -15.80
C PRO B 19 10.92 -13.52 -17.12
N ALA B 20 11.64 -14.55 -17.54
CA ALA B 20 12.08 -14.63 -18.95
C ALA B 20 10.84 -14.91 -19.84
N ALA B 21 10.95 -14.68 -21.14
CA ALA B 21 9.88 -14.98 -22.10
C ALA B 21 9.25 -16.36 -21.86
N ASN B 22 7.94 -16.35 -21.62
CA ASN B 22 7.13 -17.58 -21.44
C ASN B 22 7.51 -18.41 -20.21
N GLU B 23 8.20 -17.77 -19.27
CA GLU B 23 8.60 -18.44 -18.03
C GLU B 23 8.05 -17.67 -16.83
N ALA B 24 8.63 -17.83 -15.65
CA ALA B 24 7.99 -17.28 -14.46
C ALA B 24 8.98 -17.03 -13.31
N THR B 25 8.54 -16.31 -12.28
CA THR B 25 9.39 -16.07 -11.11
C THR B 25 9.00 -17.00 -9.95
N SER B 26 9.56 -16.77 -8.77
CA SER B 26 9.52 -17.81 -7.74
C SER B 26 8.13 -18.41 -7.46
N GLY B 27 8.00 -19.72 -7.71
CA GLY B 27 6.84 -20.48 -7.26
C GLY B 27 7.12 -21.98 -7.27
N TYR B 28 6.72 -22.66 -6.20
CA TYR B 28 7.03 -24.10 -6.04
C TYR B 28 5.87 -24.84 -5.45
N LEU B 29 5.40 -25.86 -6.16
CA LEU B 29 4.29 -26.66 -5.68
C LEU B 29 4.79 -27.83 -4.83
N PHE B 30 4.34 -27.88 -3.57
CA PHE B 30 4.71 -28.93 -2.64
C PHE B 30 3.51 -29.81 -2.40
N GLN B 31 3.64 -31.10 -2.70
CA GLN B 31 2.52 -31.99 -2.56
C GLN B 31 2.82 -33.22 -1.73
N SER B 32 1.80 -33.66 -1.02
CA SER B 32 1.88 -34.83 -0.17
C SER B 32 0.46 -35.37 -0.07
N GLY B 33 0.26 -36.57 -0.57
CA GLY B 33 -1.05 -37.19 -0.62
C GLY B 33 -2.00 -36.23 -1.30
N ASP B 34 -3.03 -35.83 -0.55
CA ASP B 34 -4.11 -35.04 -1.08
C ASP B 34 -3.85 -33.53 -1.05
N TYR B 35 -2.77 -33.14 -0.39
CA TYR B 35 -2.56 -31.77 0.03
C TYR B 35 -1.57 -31.06 -0.91
N SER B 36 -1.89 -29.80 -1.27
CA SER B 36 -1.03 -28.95 -2.11
C SER B 36 -0.71 -27.60 -1.44
N LEU B 37 0.59 -27.35 -1.30
CA LEU B 37 1.08 -26.12 -0.70
C LEU B 37 1.84 -25.36 -1.77
N LEU B 38 1.52 -24.06 -1.94
CA LEU B 38 2.26 -23.23 -2.88
C LEU B 38 3.27 -22.40 -2.11
N VAL B 39 4.55 -22.60 -2.39
CA VAL B 39 5.62 -21.84 -1.74
C VAL B 39 6.04 -20.72 -2.67
N ASP B 40 5.68 -19.49 -2.28
CA ASP B 40 5.87 -18.26 -3.10
C ASP B 40 4.94 -18.19 -4.31
N CYS B 41 4.66 -16.97 -4.77
CA CYS B 41 3.57 -16.73 -5.71
C CYS B 41 3.87 -15.49 -6.58
N GLY B 42 4.98 -15.58 -7.32
CA GLY B 42 5.45 -14.50 -8.16
C GLY B 42 4.80 -14.44 -9.53
N SER B 43 5.53 -13.86 -10.48
CA SER B 43 4.97 -13.42 -11.74
C SER B 43 4.77 -14.64 -12.65
N ALA B 44 3.56 -14.71 -13.26
CA ALA B 44 3.12 -15.81 -14.13
C ALA B 44 3.02 -17.17 -13.41
N VAL B 45 3.21 -17.16 -12.09
CA VAL B 45 3.08 -18.37 -11.27
C VAL B 45 1.67 -19.00 -11.30
N LEU B 46 0.60 -18.21 -11.19
CA LEU B 46 -0.74 -18.77 -11.24
C LEU B 46 -1.05 -19.43 -12.57
N SER B 47 -0.68 -18.74 -13.65
CA SER B 47 -0.89 -19.22 -15.00
C SER B 47 -0.30 -20.61 -15.20
N LYS B 48 0.93 -20.80 -14.72
CA LYS B 48 1.58 -22.10 -14.78
C LYS B 48 0.96 -23.10 -13.77
N LEU B 49 0.75 -22.63 -12.54
CA LEU B 49 0.20 -23.46 -11.45
C LEU B 49 -1.05 -24.23 -11.86
N PHE B 50 -1.98 -23.52 -12.50
CA PHE B 50 -3.28 -24.05 -12.87
C PHE B 50 -3.18 -25.16 -13.91
N GLY B 51 -1.98 -25.31 -14.49
CA GLY B 51 -1.69 -26.40 -15.40
C GLY B 51 -1.54 -27.71 -14.64
N TYR B 52 -1.14 -27.62 -13.38
CA TYR B 52 -0.93 -28.80 -12.50
C TYR B 52 -2.06 -29.01 -11.49
N VAL B 53 -2.60 -27.90 -10.96
CA VAL B 53 -3.62 -27.95 -9.93
C VAL B 53 -4.54 -26.72 -10.03
N PRO B 54 -5.85 -26.95 -10.03
CA PRO B 54 -6.75 -25.77 -10.08
C PRO B 54 -6.87 -25.05 -8.75
N ALA B 55 -7.25 -23.78 -8.80
CA ALA B 55 -7.30 -22.91 -7.62
C ALA B 55 -8.05 -23.52 -6.42
N GLU B 56 -9.15 -24.21 -6.68
CA GLU B 56 -9.90 -24.81 -5.58
C GLU B 56 -9.18 -25.97 -4.87
N LYS B 57 -8.23 -26.62 -5.53
CA LYS B 57 -7.56 -27.77 -4.93
C LYS B 57 -6.29 -27.34 -4.20
N LEU B 58 -6.06 -26.04 -4.15
CA LEU B 58 -4.91 -25.53 -3.46
C LEU B 58 -5.22 -25.43 -1.96
N ASP B 59 -4.39 -26.01 -1.11
CA ASP B 59 -4.73 -26.06 0.31
C ASP B 59 -4.21 -24.85 1.08
N ALA B 60 -3.04 -24.37 0.71
CA ALA B 60 -2.40 -23.28 1.45
C ALA B 60 -1.32 -22.61 0.62
N VAL B 61 -0.96 -21.39 0.99
CA VAL B 61 0.19 -20.70 0.38
C VAL B 61 1.12 -20.25 1.48
N ILE B 62 2.41 -20.25 1.20
CA ILE B 62 3.34 -19.66 2.15
C ILE B 62 4.32 -18.82 1.38
N LEU B 63 4.66 -17.67 1.96
CA LEU B 63 5.46 -16.67 1.29
C LEU B 63 6.73 -16.41 2.07
N SER B 64 7.87 -16.50 1.40
CA SER B 64 9.15 -16.28 2.02
C SER B 64 9.42 -14.81 2.40
N HIS B 65 9.00 -13.86 1.55
CA HIS B 65 9.18 -12.40 1.79
C HIS B 65 8.36 -11.61 0.81
N TYR B 66 8.31 -10.29 0.98
CA TYR B 66 7.40 -9.50 0.16
C TYR B 66 8.03 -8.75 -0.99
N HIS B 67 8.90 -9.42 -1.72
CA HIS B 67 9.39 -8.83 -2.93
C HIS B 67 8.47 -9.18 -4.11
N HIS B 68 8.29 -8.24 -5.04
CA HIS B 68 7.40 -8.44 -6.20
C HIS B 68 7.50 -9.81 -6.80
N ASP B 69 8.73 -10.29 -7.03
CA ASP B 69 8.91 -11.57 -7.68
C ASP B 69 8.52 -12.80 -6.86
N HIS B 70 8.02 -12.57 -5.65
CA HIS B 70 7.50 -13.65 -4.80
C HIS B 70 6.01 -13.54 -4.48
N ILE B 71 5.41 -12.38 -4.78
CA ILE B 71 4.04 -12.12 -4.36
C ILE B 71 3.16 -11.48 -5.45
N ALA B 72 3.70 -11.21 -6.64
CA ALA B 72 2.94 -10.44 -7.64
C ALA B 72 1.54 -11.05 -7.90
N ASP B 73 1.49 -12.39 -7.95
CA ASP B 73 0.23 -13.10 -8.23
C ASP B 73 -0.74 -13.28 -7.04
N ILE B 74 -0.40 -12.77 -5.86
CA ILE B 74 -1.36 -12.84 -4.75
C ILE B 74 -2.75 -12.21 -4.99
N GLY B 75 -2.79 -11.03 -5.59
CA GLY B 75 -4.05 -10.37 -5.88
C GLY B 75 -4.88 -11.16 -6.87
N PRO B 76 -4.26 -11.58 -8.00
CA PRO B 76 -5.01 -12.45 -8.92
C PRO B 76 -5.53 -13.74 -8.25
N LEU B 77 -4.75 -14.30 -7.33
CA LEU B 77 -5.12 -15.49 -6.55
C LEU B 77 -6.35 -15.23 -5.70
N GLN B 78 -6.35 -14.09 -5.02
CA GLN B 78 -7.51 -13.67 -4.24
C GLN B 78 -8.77 -13.53 -5.14
N PHE B 79 -8.59 -13.01 -6.36
CA PHE B 79 -9.68 -12.93 -7.32
C PHE B 79 -10.13 -14.31 -7.83
N ALA B 80 -9.21 -15.25 -7.96
CA ALA B 80 -9.53 -16.61 -8.37
C ALA B 80 -10.38 -17.29 -7.31
N LYS B 81 -9.98 -17.13 -6.05
CA LYS B 81 -10.80 -17.65 -4.94
C LYS B 81 -12.22 -17.03 -4.94
N GLN B 82 -12.31 -15.72 -5.19
CA GLN B 82 -13.58 -15.02 -5.17
C GLN B 82 -14.54 -15.54 -6.24
N VAL B 83 -14.05 -15.65 -7.47
CA VAL B 83 -14.83 -16.17 -8.60
C VAL B 83 -15.20 -17.65 -8.41
N GLY B 84 -14.24 -18.46 -7.94
CA GLY B 84 -14.50 -19.84 -7.50
C GLY B 84 -15.69 -19.93 -6.57
N SER B 85 -15.73 -19.07 -5.55
CA SER B 85 -16.88 -18.98 -4.63
C SER B 85 -18.20 -18.83 -5.38
N PHE B 86 -18.28 -17.86 -6.30
CA PHE B 86 -19.50 -17.59 -7.10
C PHE B 86 -19.87 -18.71 -8.09
N LEU B 87 -18.91 -19.57 -8.42
CA LEU B 87 -19.16 -20.71 -9.34
C LEU B 87 -19.47 -22.05 -8.65
N GLY B 88 -19.50 -22.05 -7.31
CA GLY B 88 -19.65 -23.31 -6.53
C GLY B 88 -18.49 -24.30 -6.73
N LYS B 89 -17.26 -23.82 -6.60
CA LYS B 89 -16.05 -24.67 -6.75
C LYS B 89 -15.34 -24.91 -5.42
N GLY B 90 -15.46 -23.93 -4.52
CA GLY B 90 -14.77 -23.94 -3.24
C GLY B 90 -15.38 -22.80 -2.45
N GLU B 91 -16.13 -23.15 -1.40
CA GLU B 91 -16.49 -22.19 -0.36
C GLU B 91 -15.25 -21.97 0.56
N HIS B 92 -14.28 -22.90 0.54
CA HIS B 92 -13.13 -22.91 1.48
C HIS B 92 -12.12 -21.77 1.35
N THR B 93 -11.94 -21.04 2.43
CA THR B 93 -10.99 -19.95 2.53
C THR B 93 -9.58 -20.49 2.37
N LEU B 94 -8.76 -19.83 1.55
CA LEU B 94 -7.39 -20.25 1.34
C LEU B 94 -6.45 -19.55 2.34
N PRO B 95 -5.83 -20.32 3.25
CA PRO B 95 -4.81 -19.72 4.11
C PRO B 95 -3.57 -19.35 3.32
N ILE B 96 -3.08 -18.13 3.59
CA ILE B 96 -1.82 -17.67 3.07
C ILE B 96 -0.93 -17.32 4.28
N TYR B 97 0.17 -18.03 4.43
CA TYR B 97 1.07 -17.81 5.55
C TYR B 97 2.15 -16.81 5.18
N GLY B 98 2.48 -15.93 6.10
CA GLY B 98 3.59 -15.00 5.90
C GLY B 98 4.05 -14.43 7.23
N HIS B 99 5.15 -13.67 7.22
CA HIS B 99 5.56 -13.02 8.47
C HIS B 99 4.73 -11.74 8.59
N ASP B 100 4.48 -11.30 9.83
CA ASP B 100 3.62 -10.15 10.00
C ASP B 100 4.41 -8.95 10.53
N ALA B 101 5.73 -9.00 10.46
CA ALA B 101 6.52 -7.85 10.89
C ALA B 101 6.43 -6.72 9.86
N ASP B 102 6.14 -7.06 8.62
CA ASP B 102 5.80 -6.03 7.64
C ASP B 102 4.25 -5.95 7.57
N ILE B 103 3.69 -5.04 8.34
CA ILE B 103 2.28 -5.00 8.68
C ILE B 103 1.35 -4.86 7.46
N GLU B 104 1.64 -3.85 6.64
CA GLU B 104 0.83 -3.56 5.46
C GLU B 104 0.86 -4.67 4.43
N GLN B 105 2.00 -5.31 4.26
CA GLN B 105 2.05 -6.40 3.31
C GLN B 105 1.22 -7.56 3.87
N PHE B 106 1.45 -7.91 5.13
CA PHE B 106 0.66 -8.93 5.77
C PHE B 106 -0.86 -8.68 5.70
N GLN B 107 -1.31 -7.46 5.96
CA GLN B 107 -2.74 -7.15 5.88
C GLN B 107 -3.35 -7.48 4.50
N LYS B 108 -2.54 -7.39 3.43
CA LYS B 108 -3.00 -7.64 2.04
C LYS B 108 -3.23 -9.12 1.72
N LEU B 109 -2.89 -10.01 2.65
CA LEU B 109 -3.03 -11.45 2.44
C LEU B 109 -4.48 -11.90 2.65
N THR B 110 -5.22 -11.12 3.41
CA THR B 110 -6.58 -11.42 3.73
C THR B 110 -7.51 -10.69 2.80
N TYR B 111 -8.37 -11.44 2.13
CA TYR B 111 -9.33 -10.82 1.24
C TYR B 111 -10.73 -11.40 1.47
N LYS B 112 -11.61 -10.58 2.04
CA LYS B 112 -12.97 -11.02 2.41
C LYS B 112 -12.93 -12.40 3.09
N THR B 113 -13.72 -13.37 2.63
CA THR B 113 -13.69 -14.76 3.13
C THR B 113 -12.93 -15.69 2.17
N HIS B 114 -12.19 -15.10 1.24
CA HIS B 114 -11.61 -15.88 0.15
C HIS B 114 -10.21 -16.34 0.46
N THR B 115 -9.37 -15.45 0.97
CA THR B 115 -8.07 -15.83 1.49
C THR B 115 -7.91 -15.26 2.88
N LYS B 116 -7.05 -15.89 3.66
CA LYS B 116 -6.89 -15.48 5.03
C LYS B 116 -5.39 -15.52 5.35
N GLY B 117 -4.87 -14.35 5.72
CA GLY B 117 -3.49 -14.20 6.14
C GLY B 117 -3.31 -14.84 7.49
N ILE B 118 -2.27 -15.64 7.63
CA ILE B 118 -1.96 -16.25 8.92
C ILE B 118 -0.47 -16.09 9.16
N ALA B 119 -0.11 -15.52 10.30
CA ALA B 119 1.27 -15.21 10.60
C ALA B 119 2.07 -16.43 11.03
N PHE B 120 3.13 -16.75 10.32
CA PHE B 120 4.04 -17.77 10.84
C PHE B 120 5.03 -17.12 11.76
N GLN B 121 5.50 -17.87 12.75
CA GLN B 121 6.46 -17.37 13.71
C GLN B 121 7.82 -17.97 13.41
N PRO B 122 8.82 -17.11 13.23
CA PRO B 122 10.14 -17.60 12.80
C PRO B 122 10.69 -18.65 13.75
N ASP B 123 10.50 -18.44 15.05
CA ASP B 123 11.13 -19.29 16.08
C ASP B 123 10.29 -20.54 16.43
N GLN B 124 9.12 -20.68 15.84
CA GLN B 124 8.31 -21.87 16.06
C GLN B 124 7.91 -22.57 14.79
N PRO B 125 8.11 -23.88 14.72
CA PRO B 125 7.66 -24.73 13.62
C PRO B 125 6.21 -24.52 13.27
N LEU B 126 5.92 -24.54 11.98
CA LEU B 126 4.55 -24.37 11.54
C LEU B 126 4.05 -25.69 10.99
N THR B 127 2.83 -26.05 11.34
CA THR B 127 2.21 -27.25 10.80
C THR B 127 1.16 -26.89 9.79
N ALA B 128 1.40 -27.24 8.53
CA ALA B 128 0.48 -27.04 7.42
C ALA B 128 0.12 -28.38 6.81
N GLY B 129 -1.10 -28.86 7.07
CA GLY B 129 -1.46 -30.22 6.67
C GLY B 129 -0.41 -31.25 7.11
N PRO B 130 0.06 -32.10 6.16
CA PRO B 130 1.08 -33.11 6.44
C PRO B 130 2.50 -32.54 6.64
N PHE B 131 2.70 -31.25 6.36
CA PHE B 131 4.01 -30.63 6.43
C PHE B 131 4.31 -29.93 7.77
N THR B 132 5.58 -29.97 8.14
CA THR B 132 6.11 -29.17 9.24
C THR B 132 7.23 -28.35 8.62
N ILE B 133 7.18 -27.03 8.88
CA ILE B 133 8.07 -26.05 8.27
C ILE B 133 8.80 -25.24 9.35
N THR B 134 10.11 -25.17 9.28
CA THR B 134 10.89 -24.35 10.18
C THR B 134 11.62 -23.25 9.38
N PHE B 135 12.08 -22.25 10.09
CA PHE B 135 12.45 -21.01 9.43
C PHE B 135 13.81 -20.53 9.86
N LEU B 136 14.49 -19.88 8.92
CA LEU B 136 15.75 -19.23 9.19
C LEU B 136 15.71 -17.88 8.49
N LYS B 137 15.85 -16.81 9.26
CA LYS B 137 16.01 -15.47 8.70
C LYS B 137 17.24 -15.49 7.76
N THR B 138 17.11 -14.85 6.61
CA THR B 138 18.17 -14.82 5.61
C THR B 138 18.75 -13.42 5.52
N ILE B 139 19.85 -13.27 4.78
CA ILE B 139 20.48 -11.98 4.59
C ILE B 139 20.02 -11.42 3.24
N HIS B 140 19.04 -10.52 3.31
CA HIS B 140 18.36 -9.99 2.14
C HIS B 140 17.97 -8.54 2.48
N PRO B 141 17.68 -7.70 1.47
CA PRO B 141 17.40 -6.30 1.82
C PRO B 141 16.02 -6.10 2.48
N VAL B 142 15.13 -7.08 2.39
CA VAL B 142 13.92 -7.09 3.22
C VAL B 142 13.87 -8.35 4.12
N THR B 143 13.04 -8.32 5.15
CA THR B 143 12.86 -9.47 6.04
C THR B 143 12.49 -10.66 5.17
N CYS B 144 13.17 -11.79 5.35
CA CYS B 144 12.93 -12.97 4.49
C CYS B 144 13.25 -14.26 5.22
N TYR B 145 12.54 -15.34 4.94
CA TYR B 145 12.82 -16.61 5.66
C TYR B 145 12.97 -17.82 4.77
N ALA B 146 14.08 -18.51 4.94
CA ALA B 146 14.25 -19.84 4.34
C ALA B 146 13.43 -20.84 5.14
N MET B 147 13.18 -21.99 4.51
CA MET B 147 12.22 -22.97 4.96
C MET B 147 12.75 -24.39 4.88
N ARG B 148 12.73 -25.09 6.01
CA ARG B 148 12.93 -26.54 6.03
C ARG B 148 11.56 -27.17 6.08
N ILE B 149 11.21 -27.90 5.02
CA ILE B 149 9.86 -28.46 4.89
C ILE B 149 9.93 -30.00 4.92
N THR B 150 9.26 -30.60 5.89
CA THR B 150 9.27 -32.06 6.02
C THR B 150 7.86 -32.63 6.16
N ASP B 151 7.67 -33.87 5.72
CA ASP B 151 6.44 -34.60 5.93
C ASP B 151 6.66 -35.77 6.89
N GLY B 152 7.82 -35.77 7.53
CA GLY B 152 8.19 -36.85 8.44
C GLY B 152 9.10 -37.90 7.83
N SER B 153 9.07 -38.04 6.51
CA SER B 153 9.90 -39.05 5.79
C SER B 153 11.06 -38.43 5.03
N HIS B 154 10.77 -37.31 4.36
CA HIS B 154 11.73 -36.61 3.55
C HIS B 154 11.72 -35.16 3.95
N THR B 155 12.83 -34.48 3.66
CA THR B 155 12.96 -33.08 3.97
C THR B 155 13.47 -32.33 2.73
N VAL B 156 12.84 -31.21 2.45
CA VAL B 156 13.29 -30.30 1.42
C VAL B 156 13.57 -28.96 2.09
N VAL B 157 14.73 -28.38 1.80
CA VAL B 157 15.08 -27.03 2.23
C VAL B 157 15.01 -26.07 1.05
N TYR B 158 14.40 -24.91 1.27
CA TYR B 158 14.30 -23.84 0.28
C TYR B 158 15.02 -22.61 0.88
N THR B 159 16.10 -22.14 0.24
CA THR B 159 16.87 -21.02 0.79
C THR B 159 16.11 -19.71 0.77
N ALA B 160 15.07 -19.66 -0.06
CA ALA B 160 14.44 -18.40 -0.38
C ALA B 160 15.55 -17.47 -0.98
N ASP B 161 15.55 -16.17 -0.68
CA ASP B 161 16.59 -15.26 -1.19
C ASP B 161 17.59 -14.96 -0.09
N SER B 162 18.89 -14.99 -0.42
CA SER B 162 19.90 -14.73 0.59
C SER B 162 21.31 -14.68 0.04
N SER B 163 22.13 -13.80 0.60
CA SER B 163 23.57 -13.93 0.43
C SER B 163 24.06 -15.04 1.38
N TYR B 164 25.29 -15.50 1.20
CA TYR B 164 25.80 -16.66 1.94
C TYR B 164 25.88 -16.41 3.46
N GLN B 165 25.49 -17.42 4.24
CA GLN B 165 25.76 -17.44 5.70
C GLN B 165 25.95 -18.89 6.08
N ASP B 166 26.88 -19.12 7.02
CA ASP B 166 27.16 -20.44 7.55
C ASP B 166 25.95 -21.17 8.14
N SER B 167 24.98 -20.40 8.69
CA SER B 167 23.84 -21.00 9.40
C SER B 167 22.99 -21.87 8.47
N PHE B 168 23.11 -21.63 7.16
CA PHE B 168 22.42 -22.47 6.19
C PHE B 168 22.82 -23.92 6.31
N ILE B 169 24.06 -24.18 6.65
CA ILE B 169 24.55 -25.55 6.71
C ILE B 169 23.82 -26.38 7.80
N PRO B 170 23.92 -26.01 9.09
CA PRO B 170 23.13 -26.76 10.10
C PRO B 170 21.62 -26.74 9.83
N PHE B 171 21.15 -25.67 9.20
CA PHE B 171 19.74 -25.56 8.86
C PHE B 171 19.34 -26.57 7.79
N SER B 172 20.27 -26.85 6.86
CA SER B 172 19.99 -27.72 5.71
C SER B 172 20.42 -29.15 5.98
N GLU B 173 20.91 -29.41 7.18
CA GLU B 173 21.53 -30.68 7.50
C GLU B 173 20.70 -31.90 7.09
N ASN B 174 21.26 -32.78 6.27
CA ASN B 174 20.60 -34.01 5.85
C ASN B 174 19.34 -33.82 5.02
N ALA B 175 19.13 -32.62 4.47
CA ALA B 175 18.02 -32.37 3.54
C ALA B 175 18.11 -33.37 2.39
N ASP B 176 16.96 -33.89 1.94
CA ASP B 176 16.95 -34.80 0.79
C ASP B 176 17.13 -34.01 -0.51
N LEU B 177 16.53 -32.82 -0.55
CA LEU B 177 16.67 -31.90 -1.69
C LEU B 177 16.91 -30.52 -1.14
N LEU B 178 17.96 -29.87 -1.63
CA LEU B 178 18.23 -28.50 -1.26
C LEU B 178 17.93 -27.61 -2.46
N ILE B 179 16.96 -26.71 -2.29
CA ILE B 179 16.61 -25.77 -3.34
C ILE B 179 17.23 -24.42 -2.99
N SER B 180 18.25 -24.05 -3.74
CA SER B 180 19.04 -22.90 -3.35
C SER B 180 19.01 -21.85 -4.44
N GLU B 181 18.71 -20.61 -4.03
CA GLU B 181 18.79 -19.53 -4.96
C GLU B 181 20.23 -19.50 -5.51
N CYS B 182 20.39 -19.12 -6.76
CA CYS B 182 21.68 -19.11 -7.38
C CYS B 182 21.68 -18.02 -8.45
N ASN B 183 21.57 -16.77 -8.00
CA ASN B 183 21.36 -15.65 -8.88
C ASN B 183 22.67 -15.18 -9.52
N PHE B 184 23.80 -15.70 -9.03
CA PHE B 184 25.11 -15.31 -9.60
C PHE B 184 26.04 -16.49 -9.97
N TYR B 185 26.97 -16.22 -10.87
CA TYR B 185 27.95 -17.22 -11.34
C TYR B 185 29.15 -17.26 -10.41
N ALA B 186 29.90 -18.37 -10.47
CA ALA B 186 31.11 -18.58 -9.68
C ALA B 186 31.98 -17.33 -9.44
N ASP B 187 32.13 -16.49 -10.46
CA ASP B 187 33.08 -15.39 -10.34
C ASP B 187 32.47 -14.07 -9.87
N GLN B 188 31.33 -14.14 -9.17
CA GLN B 188 30.60 -12.92 -8.84
C GLN B 188 30.18 -12.91 -7.39
N ASP B 189 30.07 -11.70 -6.85
CA ASP B 189 29.67 -11.49 -5.45
C ASP B 189 28.22 -11.00 -5.35
N GLY B 190 27.38 -11.79 -4.70
CA GLY B 190 25.98 -11.45 -4.59
C GLY B 190 25.63 -10.76 -3.29
N THR B 191 26.66 -10.48 -2.49
CA THR B 191 26.45 -9.88 -1.17
C THR B 191 25.59 -8.62 -1.26
N SER B 192 26.03 -7.66 -2.08
CA SER B 192 25.40 -6.34 -2.12
C SER B 192 23.92 -6.42 -2.48
N ALA B 193 23.53 -7.40 -3.30
CA ALA B 193 22.11 -7.59 -3.66
C ALA B 193 21.39 -8.72 -2.86
N GLY B 194 22.00 -9.23 -1.79
CA GLY B 194 21.39 -10.33 -1.02
C GLY B 194 21.15 -11.63 -1.79
N HIS B 195 22.11 -12.06 -2.59
CA HIS B 195 21.99 -13.29 -3.36
C HIS B 195 23.27 -14.12 -3.27
N MET B 196 23.17 -15.37 -3.73
CA MET B 196 24.29 -16.29 -3.73
C MET B 196 24.71 -16.67 -5.14
N ASN B 197 25.94 -17.17 -5.26
CA ASN B 197 26.40 -17.76 -6.52
C ASN B 197 26.46 -19.30 -6.45
N SER B 198 26.92 -19.91 -7.54
CA SER B 198 26.92 -21.36 -7.68
C SER B 198 27.84 -22.11 -6.72
N LEU B 199 28.95 -21.49 -6.32
CA LEU B 199 29.90 -22.10 -5.40
C LEU B 199 29.32 -22.07 -4.00
N GLU B 200 28.59 -21.01 -3.69
CA GLU B 200 27.96 -20.91 -2.36
C GLU B 200 26.82 -21.92 -2.20
N ALA B 201 25.98 -22.06 -3.22
CA ALA B 201 24.95 -23.09 -3.26
C ALA B 201 25.58 -24.48 -3.09
N GLY B 202 26.69 -24.71 -3.79
CA GLY B 202 27.38 -25.97 -3.74
C GLY B 202 27.94 -26.20 -2.35
N ARG B 203 28.50 -25.15 -1.78
CA ARG B 203 29.12 -25.28 -0.46
C ARG B 203 28.09 -25.76 0.57
N ILE B 204 26.90 -25.16 0.56
CA ILE B 204 25.81 -25.55 1.47
C ILE B 204 25.43 -27.02 1.28
N ALA B 205 25.26 -27.45 0.03
CA ALA B 205 24.86 -28.84 -0.23
C ALA B 205 25.90 -29.81 0.33
N LYS B 206 27.17 -29.52 0.04
CA LYS B 206 28.28 -30.37 0.43
C LYS B 206 28.35 -30.54 1.95
N GLU B 207 28.23 -29.43 2.67
CA GLU B 207 28.52 -29.42 4.08
C GLU B 207 27.32 -29.78 4.93
N ALA B 208 26.12 -29.59 4.38
CA ALA B 208 24.93 -30.11 5.02
C ALA B 208 24.71 -31.60 4.69
N GLY B 209 25.51 -32.15 3.78
CA GLY B 209 25.30 -33.51 3.29
C GLY B 209 23.93 -33.61 2.63
N ALA B 210 23.58 -32.61 1.81
CA ALA B 210 22.33 -32.64 1.07
C ALA B 210 22.31 -33.82 0.09
N GLY B 211 21.14 -34.42 -0.07
CA GLY B 211 21.01 -35.54 -0.99
C GLY B 211 21.07 -35.14 -2.46
N GLU B 212 20.68 -33.91 -2.78
CA GLU B 212 20.53 -33.45 -4.16
C GLU B 212 20.39 -31.92 -4.14
N LEU B 213 20.76 -31.25 -5.23
CA LEU B 213 20.81 -29.80 -5.26
C LEU B 213 20.08 -29.26 -6.48
N LEU B 214 19.20 -28.29 -6.24
CA LEU B 214 18.45 -27.61 -7.29
C LEU B 214 18.71 -26.11 -7.24
N LEU B 215 19.25 -25.58 -8.34
CA LEU B 215 19.60 -24.17 -8.45
C LEU B 215 18.48 -23.39 -9.09
N THR B 216 18.12 -22.26 -8.48
CA THR B 216 16.94 -21.50 -8.87
C THR B 216 17.11 -19.98 -8.68
N HIS B 217 16.01 -19.21 -8.76
CA HIS B 217 16.07 -17.75 -8.78
C HIS B 217 17.07 -17.31 -9.85
N LEU B 218 16.89 -17.83 -11.06
CA LEU B 218 17.95 -17.79 -12.07
C LEU B 218 18.20 -16.41 -12.66
N PRO B 219 19.45 -16.15 -13.12
CA PRO B 219 19.74 -14.86 -13.70
C PRO B 219 19.30 -14.74 -15.14
N HIS B 220 19.24 -13.50 -15.63
CA HIS B 220 18.93 -13.24 -17.03
C HIS B 220 20.15 -12.95 -17.89
N PHE B 221 21.29 -13.55 -17.55
CA PHE B 221 22.50 -13.50 -18.42
C PHE B 221 23.28 -14.80 -18.22
N GLY B 222 24.30 -15.01 -19.05
CA GLY B 222 25.16 -16.17 -18.95
C GLY B 222 24.53 -17.45 -19.48
N VAL B 223 25.29 -18.55 -19.43
CA VAL B 223 24.78 -19.87 -19.77
C VAL B 223 24.43 -20.55 -18.46
N HIS B 224 23.14 -20.84 -18.26
CA HIS B 224 22.69 -21.42 -16.99
C HIS B 224 23.38 -22.72 -16.63
N ASP B 225 23.78 -23.50 -17.65
CA ASP B 225 24.36 -24.82 -17.43
C ASP B 225 25.70 -24.71 -16.68
N ASN B 226 26.38 -23.59 -16.89
CA ASN B 226 27.56 -23.23 -16.13
C ASN B 226 27.31 -23.14 -14.64
N LEU B 227 26.12 -22.70 -14.22
CA LEU B 227 25.77 -22.73 -12.80
C LEU B 227 25.85 -24.16 -12.29
N ARG B 228 25.23 -25.09 -13.02
CA ARG B 228 25.32 -26.51 -12.66
C ARG B 228 26.78 -26.95 -12.53
N LYS B 229 27.58 -26.74 -13.59
CA LYS B 229 28.98 -27.18 -13.62
C LYS B 229 29.79 -26.63 -12.44
N GLU B 230 29.67 -25.32 -12.19
CA GLU B 230 30.40 -24.67 -11.12
C GLU B 230 30.06 -25.28 -9.76
N ALA B 231 28.76 -25.41 -9.49
CA ALA B 231 28.28 -26.05 -8.28
C ALA B 231 28.86 -27.45 -8.14
N LYS B 232 28.91 -28.20 -9.24
CA LYS B 232 29.50 -29.55 -9.25
C LYS B 232 31.01 -29.59 -8.94
N THR B 233 31.71 -28.46 -8.94
CA THR B 233 33.13 -28.47 -8.52
C THR B 233 33.28 -28.47 -6.99
N VAL B 234 32.18 -28.28 -6.27
CA VAL B 234 32.18 -28.26 -4.81
C VAL B 234 31.36 -29.43 -4.26
N PHE B 235 30.15 -29.59 -4.80
CA PHE B 235 29.21 -30.66 -4.42
C PHE B 235 29.30 -31.87 -5.36
N SER B 236 29.26 -33.08 -4.80
CA SER B 236 29.43 -34.29 -5.61
C SER B 236 28.13 -35.05 -5.91
N GLY B 237 27.06 -34.71 -5.21
CA GLY B 237 25.73 -35.26 -5.55
C GLY B 237 25.09 -34.65 -6.79
N GLU B 238 23.86 -35.07 -7.09
CA GLU B 238 23.15 -34.59 -8.27
C GLU B 238 22.78 -33.10 -8.18
N VAL B 239 22.91 -32.41 -9.32
CA VAL B 239 22.68 -30.95 -9.44
C VAL B 239 21.95 -30.63 -10.75
N ASN B 240 20.85 -29.90 -10.63
CA ASN B 240 20.05 -29.48 -11.76
C ASN B 240 19.70 -28.00 -11.69
N ILE B 241 19.43 -27.42 -12.86
CA ILE B 241 18.95 -26.07 -13.00
C ILE B 241 17.45 -26.15 -12.96
N ALA B 242 16.81 -25.32 -12.13
CA ALA B 242 15.35 -25.31 -12.09
C ALA B 242 14.79 -24.86 -13.44
N LYS B 243 13.64 -25.43 -13.81
CA LYS B 243 12.78 -24.92 -14.88
C LYS B 243 11.32 -25.18 -14.50
N SER B 244 10.38 -24.42 -15.06
CA SER B 244 8.94 -24.74 -14.91
C SER B 244 8.69 -26.18 -15.33
N GLY B 245 8.10 -26.99 -14.46
CA GLY B 245 7.80 -28.41 -14.80
C GLY B 245 8.72 -29.46 -14.18
N PHE B 246 9.89 -29.02 -13.69
CA PHE B 246 10.87 -29.89 -13.01
C PHE B 246 10.22 -30.51 -11.78
N VAL B 247 10.39 -31.82 -11.66
CA VAL B 247 9.80 -32.55 -10.56
C VAL B 247 10.85 -33.25 -9.72
N TRP B 248 10.82 -32.98 -8.42
CA TRP B 248 11.51 -33.82 -7.46
C TRP B 248 10.46 -34.60 -6.68
N GLU B 249 10.76 -35.85 -6.36
CA GLU B 249 9.83 -36.67 -5.58
C GLU B 249 10.46 -37.40 -4.38
N PRO C 6 23.73 28.45 16.19
CA PRO C 6 23.51 27.63 17.41
C PRO C 6 22.49 26.52 17.14
N MET C 7 22.70 25.32 17.70
CA MET C 7 21.85 24.15 17.37
C MET C 7 20.71 23.94 18.36
N LYS C 8 19.53 23.62 17.84
CA LYS C 8 18.28 23.59 18.63
C LYS C 8 17.33 22.46 18.25
N VAL C 9 17.28 21.46 19.14
CA VAL C 9 16.33 20.38 19.06
C VAL C 9 15.11 20.72 19.90
N THR C 10 13.93 20.56 19.32
CA THR C 10 12.68 20.76 20.02
C THR C 10 11.84 19.52 19.82
N VAL C 11 11.50 18.86 20.93
CA VAL C 11 10.60 17.71 20.91
C VAL C 11 9.23 18.18 20.41
N ILE C 12 8.75 17.51 19.36
CA ILE C 12 7.40 17.72 18.85
C ILE C 12 6.47 16.65 19.41
N GLY C 13 6.86 15.38 19.30
CA GLY C 13 6.13 14.26 19.91
C GLY C 13 7.08 13.21 20.48
N CYS C 14 6.64 12.45 21.47
CA CYS C 14 7.56 11.58 22.20
C CYS C 14 6.96 10.26 22.72
N TYR C 15 5.66 10.10 22.53
CA TYR C 15 5.01 8.85 22.92
C TYR C 15 5.23 7.75 21.87
N GLY C 16 5.45 6.54 22.36
CA GLY C 16 5.66 5.40 21.51
C GLY C 16 4.30 4.88 21.14
N GLY C 17 4.15 4.45 19.89
CA GLY C 17 2.96 3.71 19.48
C GLY C 17 1.78 4.57 19.04
N PHE C 18 1.29 5.39 19.96
CA PHE C 18 0.11 6.22 19.75
C PHE C 18 0.14 7.39 20.73
N PRO C 19 -0.63 8.47 20.45
CA PRO C 19 -0.59 9.61 21.35
C PRO C 19 -1.39 9.40 22.60
N ALA C 20 -0.86 9.88 23.73
CA ALA C 20 -1.64 10.09 24.95
C ALA C 20 -2.51 11.31 24.72
N ALA C 21 -3.53 11.51 25.55
CA ALA C 21 -4.42 12.65 25.38
C ALA C 21 -3.64 13.95 25.11
N ASN C 22 -4.04 14.65 24.06
CA ASN C 22 -3.47 15.96 23.71
C ASN C 22 -1.95 15.98 23.50
N GLU C 23 -1.34 14.85 23.16
CA GLU C 23 0.11 14.81 22.90
C GLU C 23 0.34 14.18 21.55
N ALA C 24 1.52 13.62 21.30
CA ALA C 24 1.90 13.17 19.97
C ALA C 24 2.92 12.02 19.98
N THR C 25 3.15 11.39 18.83
CA THR C 25 4.18 10.34 18.74
C THR C 25 5.48 10.91 18.14
N SER C 26 6.44 10.05 17.77
CA SER C 26 7.79 10.52 17.43
C SER C 26 7.86 11.60 16.36
N GLY C 27 8.40 12.75 16.74
CA GLY C 27 8.77 13.86 15.85
C GLY C 27 9.68 14.83 16.63
N TYR C 28 10.76 15.28 15.98
CA TYR C 28 11.76 16.15 16.59
C TYR C 28 12.27 17.21 15.59
N LEU C 29 12.25 18.46 16.02
CA LEU C 29 12.64 19.57 15.18
C LEU C 29 14.10 19.93 15.45
N PHE C 30 14.91 19.85 14.40
CA PHE C 30 16.32 20.16 14.48
C PHE C 30 16.56 21.42 13.69
N GLN C 31 17.07 22.45 14.35
CA GLN C 31 17.26 23.73 13.70
C GLN C 31 18.71 24.22 13.79
N SER C 32 19.07 25.07 12.84
CA SER C 32 20.37 25.75 12.81
C SER C 32 20.23 26.87 11.80
N GLY C 33 20.61 28.08 12.19
CA GLY C 33 20.40 29.28 11.36
C GLY C 33 18.98 29.31 10.85
N ASP C 34 18.82 29.41 9.53
CA ASP C 34 17.50 29.42 8.90
C ASP C 34 16.95 28.01 8.60
N TYR C 35 17.75 26.97 8.85
CA TYR C 35 17.40 25.62 8.44
C TYR C 35 16.58 24.81 9.47
N SER C 36 15.55 24.14 8.98
CA SER C 36 14.70 23.28 9.81
C SER C 36 14.58 21.86 9.25
N LEU C 37 14.95 20.89 10.09
CA LEU C 37 14.84 19.46 9.74
C LEU C 37 13.96 18.74 10.74
N LEU C 38 12.93 18.06 10.24
CA LEU C 38 12.07 17.24 11.08
C LEU C 38 12.51 15.79 11.05
N VAL C 39 12.78 15.26 12.24
CA VAL C 39 13.21 13.89 12.37
C VAL C 39 12.00 13.09 12.85
N ASP C 40 11.48 12.26 11.95
CA ASP C 40 10.29 11.46 12.18
C ASP C 40 9.03 12.31 12.19
N CYS C 41 7.90 11.67 11.91
CA CYS C 41 6.70 12.42 11.60
C CYS C 41 5.44 11.64 11.94
N GLY C 42 5.35 11.20 13.19
CA GLY C 42 4.20 10.42 13.67
C GLY C 42 2.90 11.16 13.96
N SER C 43 2.07 10.56 14.80
CA SER C 43 0.70 11.01 15.04
C SER C 43 0.70 12.32 15.78
N ALA C 44 -0.19 13.22 15.36
CA ALA C 44 -0.32 14.58 15.88
C ALA C 44 0.95 15.43 15.76
N VAL C 45 1.94 14.94 15.03
CA VAL C 45 3.22 15.67 14.91
C VAL C 45 3.11 16.96 14.07
N LEU C 46 2.33 16.95 12.99
CA LEU C 46 2.18 18.21 12.22
C LEU C 46 1.47 19.28 13.00
N SER C 47 0.37 18.91 13.64
CA SER C 47 -0.40 19.83 14.44
C SER C 47 0.50 20.59 15.43
N LYS C 48 1.41 19.89 16.11
CA LYS C 48 2.33 20.55 17.06
C LYS C 48 3.40 21.30 16.30
N LEU C 49 3.95 20.66 15.26
CA LEU C 49 5.08 21.23 14.54
C LEU C 49 4.76 22.65 14.05
N PHE C 50 3.55 22.85 13.58
CA PHE C 50 3.15 24.14 13.03
C PHE C 50 3.05 25.24 14.08
N GLY C 51 3.11 24.85 15.36
CA GLY C 51 3.17 25.80 16.45
C GLY C 51 4.52 26.51 16.46
N TYR C 52 5.51 25.89 15.83
CA TYR C 52 6.89 26.36 15.85
C TYR C 52 7.36 26.84 14.49
N VAL C 53 7.13 26.03 13.45
CA VAL C 53 7.58 26.34 12.10
C VAL C 53 6.47 25.95 11.11
N PRO C 54 6.12 26.86 10.18
CA PRO C 54 5.04 26.58 9.21
C PRO C 54 5.45 25.61 8.10
N ALA C 55 4.46 24.91 7.53
CA ALA C 55 4.68 23.93 6.47
C ALA C 55 5.69 24.40 5.42
N GLU C 56 5.55 25.66 5.01
CA GLU C 56 6.34 26.21 3.91
C GLU C 56 7.79 26.56 4.29
N LYS C 57 8.11 26.61 5.58
CA LYS C 57 9.45 26.96 6.03
C LYS C 57 10.24 25.73 6.48
N LEU C 58 9.65 24.56 6.27
CA LEU C 58 10.33 23.31 6.58
C LEU C 58 11.26 22.95 5.42
N ASP C 59 12.51 22.64 5.76
CA ASP C 59 13.58 22.43 4.77
C ASP C 59 13.77 20.98 4.33
N ALA C 60 13.54 20.05 5.27
CA ALA C 60 13.73 18.62 5.05
C ALA C 60 13.07 17.76 6.14
N VAL C 61 12.70 16.54 5.77
CA VAL C 61 12.23 15.52 6.71
C VAL C 61 13.15 14.31 6.58
N ILE C 62 13.45 13.66 7.71
CA ILE C 62 14.14 12.38 7.68
C ILE C 62 13.40 11.39 8.57
N LEU C 63 13.30 10.14 8.11
CA LEU C 63 12.51 9.10 8.79
C LEU C 63 13.36 7.91 9.17
N SER C 64 13.25 7.49 10.43
CA SER C 64 14.10 6.41 10.93
C SER C 64 13.62 5.06 10.41
N HIS C 65 12.30 4.93 10.32
CA HIS C 65 11.64 3.71 9.88
C HIS C 65 10.15 3.92 9.64
N TYR C 66 9.48 2.88 9.16
CA TYR C 66 8.15 3.04 8.61
C TYR C 66 6.98 2.57 9.50
N HIS C 67 7.18 2.50 10.81
CA HIS C 67 6.09 2.16 11.72
C HIS C 67 5.10 3.31 11.79
N HIS C 68 3.82 3.02 11.97
CA HIS C 68 2.81 4.11 12.03
C HIS C 68 3.21 5.28 12.93
N ASP C 69 3.76 5.00 14.11
CA ASP C 69 4.08 6.05 15.08
C ASP C 69 5.18 7.00 14.66
N HIS C 70 5.79 6.78 13.48
CA HIS C 70 6.83 7.68 12.94
C HIS C 70 6.49 8.33 11.60
N ILE C 71 5.38 7.91 10.98
CA ILE C 71 5.06 8.32 9.62
C ILE C 71 3.61 8.72 9.37
N ALA C 72 2.74 8.56 10.37
CA ALA C 72 1.29 8.74 10.15
C ALA C 72 0.95 10.10 9.55
N ASP C 73 1.73 11.12 9.88
CA ASP C 73 1.43 12.45 9.37
C ASP C 73 2.06 12.74 7.99
N ILE C 74 2.79 11.79 7.44
CA ILE C 74 3.42 12.01 6.13
C ILE C 74 2.42 12.46 5.04
N GLY C 75 1.35 11.70 4.88
CA GLY C 75 0.26 12.03 3.97
C GLY C 75 -0.29 13.44 4.19
N PRO C 76 -0.65 13.77 5.44
CA PRO C 76 -1.12 15.15 5.63
C PRO C 76 -0.09 16.21 5.26
N LEU C 77 1.18 15.91 5.52
CA LEU C 77 2.23 16.88 5.25
C LEU C 77 2.40 17.04 3.73
N GLN C 78 2.06 15.99 3.00
CA GLN C 78 2.05 16.08 1.56
C GLN C 78 0.94 17.02 1.08
N PHE C 79 -0.21 16.97 1.76
CA PHE C 79 -1.30 17.88 1.47
C PHE C 79 -0.92 19.30 1.85
N ALA C 80 -0.27 19.48 3.00
CA ALA C 80 0.16 20.81 3.46
C ALA C 80 1.02 21.50 2.42
N LYS C 81 2.02 20.77 1.92
CA LYS C 81 2.91 21.27 0.89
C LYS C 81 2.17 21.55 -0.41
N GLN C 82 1.24 20.66 -0.79
CA GLN C 82 0.41 20.90 -1.97
C GLN C 82 -0.38 22.20 -1.83
N VAL C 83 -1.06 22.38 -0.71
CA VAL C 83 -1.89 23.57 -0.50
C VAL C 83 -1.05 24.85 -0.40
N GLY C 84 0.06 24.79 0.34
CA GLY C 84 1.08 25.85 0.32
C GLY C 84 1.48 26.31 -1.09
N SER C 85 1.83 25.34 -1.93
CA SER C 85 2.20 25.57 -3.33
C SER C 85 1.12 26.35 -4.10
N PHE C 86 -0.12 25.86 -3.98
CA PHE C 86 -1.31 26.45 -4.60
C PHE C 86 -1.61 27.87 -4.09
N LEU C 87 -1.29 28.14 -2.83
CA LEU C 87 -1.60 29.43 -2.21
C LEU C 87 -0.54 30.50 -2.47
N GLY C 88 0.51 30.10 -3.18
CA GLY C 88 1.62 30.99 -3.49
C GLY C 88 2.59 31.14 -2.34
N LYS C 89 2.69 30.11 -1.50
CA LYS C 89 3.59 30.16 -0.35
C LYS C 89 5.00 29.70 -0.69
N GLY C 90 5.19 29.12 -1.87
CA GLY C 90 6.51 28.61 -2.27
C GLY C 90 6.48 27.27 -2.97
N GLU C 91 7.34 27.10 -3.95
CA GLU C 91 7.30 25.93 -4.82
C GLU C 91 8.42 24.94 -4.53
N HIS C 92 9.16 25.20 -3.46
CA HIS C 92 10.21 24.30 -3.01
C HIS C 92 9.64 22.89 -2.77
N THR C 93 10.30 21.90 -3.37
CA THR C 93 9.99 20.49 -3.16
C THR C 93 10.63 20.02 -1.85
N LEU C 94 9.79 19.69 -0.87
CA LEU C 94 10.28 19.21 0.42
C LEU C 94 10.87 17.80 0.26
N PRO C 95 12.19 17.65 0.51
CA PRO C 95 12.76 16.30 0.48
C PRO C 95 12.45 15.57 1.80
N ILE C 96 11.98 14.33 1.65
CA ILE C 96 11.80 13.42 2.79
C ILE C 96 12.82 12.31 2.63
N TYR C 97 13.80 12.29 3.54
CA TYR C 97 14.81 11.23 3.53
C TYR C 97 14.32 10.01 4.26
N GLY C 98 14.55 8.84 3.64
CA GLY C 98 14.30 7.54 4.27
C GLY C 98 15.12 6.44 3.61
N HIS C 99 15.13 5.24 4.20
CA HIS C 99 15.79 4.11 3.55
C HIS C 99 14.86 3.57 2.45
N ASP C 100 15.45 3.08 1.36
CA ASP C 100 14.64 2.58 0.26
C ASP C 100 14.47 1.04 0.17
N ALA C 101 14.91 0.32 1.19
CA ALA C 101 14.79 -1.17 1.16
C ALA C 101 13.33 -1.61 1.20
N ASP C 102 12.50 -0.86 1.92
CA ASP C 102 11.06 -1.06 1.92
C ASP C 102 10.48 -0.22 0.76
N ILE C 103 10.34 -0.89 -0.39
CA ILE C 103 10.09 -0.25 -1.64
C ILE C 103 8.78 0.55 -1.64
N GLU C 104 7.71 -0.07 -1.14
CA GLU C 104 6.39 0.53 -1.19
C GLU C 104 6.25 1.68 -0.23
N GLN C 105 6.85 1.58 0.95
CA GLN C 105 6.80 2.70 1.87
C GLN C 105 7.59 3.88 1.34
N PHE C 106 8.75 3.61 0.74
CA PHE C 106 9.58 4.66 0.18
C PHE C 106 8.90 5.42 -0.98
N GLN C 107 8.19 4.67 -1.83
CA GLN C 107 7.49 5.24 -2.99
C GLN C 107 6.44 6.26 -2.55
N LYS C 108 5.83 6.02 -1.39
CA LYS C 108 4.83 6.92 -0.84
C LYS C 108 5.39 8.27 -0.36
N LEU C 109 6.72 8.41 -0.29
CA LEU C 109 7.32 9.66 0.19
C LEU C 109 7.30 10.76 -0.88
N THR C 110 7.10 10.36 -2.14
CA THR C 110 7.07 11.29 -3.26
C THR C 110 5.64 11.61 -3.63
N TYR C 111 5.30 12.90 -3.70
CA TYR C 111 3.97 13.31 -4.06
C TYR C 111 4.00 14.50 -5.01
N LYS C 112 3.72 14.25 -6.29
CA LYS C 112 3.74 15.32 -7.30
C LYS C 112 5.08 16.06 -7.24
N THR C 113 5.05 17.38 -7.21
CA THR C 113 6.24 18.20 -7.09
C THR C 113 6.40 18.74 -5.66
N HIS C 114 5.56 18.25 -4.75
CA HIS C 114 5.47 18.81 -3.40
C HIS C 114 6.44 18.19 -2.40
N THR C 115 6.54 16.87 -2.38
CA THR C 115 7.56 16.19 -1.61
C THR C 115 8.30 15.18 -2.50
N LYS C 116 9.55 14.94 -2.17
CA LYS C 116 10.39 13.99 -2.89
C LYS C 116 11.06 13.04 -1.89
N GLY C 117 10.87 11.74 -2.09
CA GLY C 117 11.56 10.75 -1.30
C GLY C 117 13.00 10.71 -1.77
N ILE C 118 13.95 10.82 -0.84
CA ILE C 118 15.36 10.66 -1.20
C ILE C 118 15.92 9.60 -0.29
N ALA C 119 16.64 8.63 -0.86
CA ALA C 119 17.14 7.48 -0.08
C ALA C 119 18.44 7.86 0.57
N PHE C 120 18.54 7.66 1.89
CA PHE C 120 19.84 7.81 2.54
C PHE C 120 20.60 6.48 2.42
N GLN C 121 21.92 6.57 2.25
CA GLN C 121 22.76 5.37 2.26
C GLN C 121 23.33 5.24 3.66
N PRO C 122 23.05 4.10 4.34
CA PRO C 122 23.37 3.93 5.76
C PRO C 122 24.86 3.91 6.06
N ASP C 123 25.65 3.51 5.07
CA ASP C 123 27.08 3.33 5.28
C ASP C 123 27.89 4.55 4.83
N GLN C 124 27.22 5.69 4.71
CA GLN C 124 27.90 6.94 4.38
C GLN C 124 27.18 8.17 4.96
N PRO C 125 27.91 9.30 5.09
CA PRO C 125 27.28 10.49 5.68
C PRO C 125 26.25 11.16 4.77
N LEU C 126 25.29 11.85 5.37
CA LEU C 126 24.29 12.59 4.62
C LEU C 126 24.37 14.05 4.97
N THR C 127 24.40 14.89 3.94
CA THR C 127 24.42 16.33 4.07
C THR C 127 22.99 16.88 3.92
N ALA C 128 22.58 17.68 4.90
CA ALA C 128 21.27 18.30 4.92
C ALA C 128 21.40 19.69 5.52
N GLY C 129 21.68 20.67 4.67
CA GLY C 129 22.02 22.02 5.13
C GLY C 129 23.34 22.08 5.90
N PRO C 130 23.30 22.56 7.16
CA PRO C 130 24.56 22.58 7.92
C PRO C 130 24.79 21.29 8.71
N PHE C 131 23.92 20.29 8.52
CA PHE C 131 23.97 19.03 9.26
C PHE C 131 24.63 17.88 8.48
N THR C 132 25.48 17.12 9.17
CA THR C 132 25.97 15.85 8.64
C THR C 132 25.39 14.69 9.49
N ILE C 133 24.65 13.79 8.84
CA ILE C 133 23.95 12.71 9.54
C ILE C 133 24.53 11.34 9.19
N THR C 134 24.87 10.55 10.20
CA THR C 134 25.40 9.18 10.02
C THR C 134 24.43 8.17 10.63
N PHE C 135 24.54 6.91 10.24
CA PHE C 135 23.51 5.93 10.58
C PHE C 135 24.02 4.66 11.23
N LEU C 136 23.13 4.03 11.99
CA LEU C 136 23.37 2.74 12.59
C LEU C 136 22.09 1.91 12.51
N LYS C 137 22.16 0.76 11.84
CA LYS C 137 21.02 -0.12 11.80
C LYS C 137 20.76 -0.56 13.20
N THR C 138 19.48 -0.59 13.57
CA THR C 138 19.05 -0.98 14.91
C THR C 138 18.49 -2.44 14.92
N ILE C 139 18.09 -2.91 16.09
CA ILE C 139 17.44 -4.20 16.24
C ILE C 139 15.99 -3.89 16.57
N HIS C 140 15.12 -4.04 15.58
CA HIS C 140 13.71 -3.62 15.65
C HIS C 140 13.03 -4.56 14.63
N PRO C 141 11.75 -4.90 14.84
CA PRO C 141 11.02 -5.78 13.91
C PRO C 141 11.01 -5.34 12.43
N VAL C 142 11.16 -4.05 12.15
CA VAL C 142 11.36 -3.61 10.77
C VAL C 142 12.68 -2.88 10.64
N THR C 143 13.14 -2.66 9.40
CA THR C 143 14.41 -2.01 9.16
C THR C 143 14.33 -0.61 9.79
N CYS C 144 15.36 -0.25 10.56
CA CYS C 144 15.37 1.00 11.30
C CYS C 144 16.80 1.54 11.48
N TYR C 145 16.96 2.85 11.45
CA TYR C 145 18.27 3.49 11.55
C TYR C 145 18.31 4.59 12.57
N ALA C 146 19.18 4.41 13.57
CA ALA C 146 19.54 5.46 14.51
C ALA C 146 20.33 6.55 13.78
N MET C 147 20.45 7.73 14.39
CA MET C 147 21.04 8.89 13.72
C MET C 147 22.01 9.68 14.59
N ARG C 148 23.18 10.03 14.04
CA ARG C 148 24.13 10.95 14.65
C ARG C 148 24.14 12.24 13.83
N ILE C 149 23.66 13.34 14.42
CA ILE C 149 23.48 14.61 13.72
C ILE C 149 24.39 15.74 14.25
N THR C 150 25.27 16.22 13.38
CA THR C 150 26.20 17.27 13.77
C THR C 150 26.11 18.48 12.86
N ASP C 151 26.12 19.68 13.45
CA ASP C 151 26.24 20.93 12.68
C ASP C 151 27.70 21.31 12.48
N GLY C 152 28.60 20.45 12.96
CA GLY C 152 30.03 20.74 12.94
C GLY C 152 30.58 21.24 14.26
N SER C 153 29.70 21.67 15.17
CA SER C 153 30.11 22.14 16.50
C SER C 153 29.53 21.27 17.63
N HIS C 154 28.25 20.92 17.50
CA HIS C 154 27.58 20.06 18.46
C HIS C 154 27.06 18.79 17.76
N THR C 155 26.96 17.70 18.53
CA THR C 155 26.49 16.42 18.00
C THR C 155 25.34 15.85 18.85
N VAL C 156 24.29 15.43 18.16
CA VAL C 156 23.11 14.82 18.79
C VAL C 156 22.84 13.40 18.25
N VAL C 157 22.71 12.43 19.15
CA VAL C 157 22.37 11.08 18.72
C VAL C 157 20.92 10.71 19.06
N TYR C 158 20.25 10.12 18.08
CA TYR C 158 18.88 9.65 18.23
C TYR C 158 18.90 8.15 17.93
N THR C 159 18.58 7.34 18.93
CA THR C 159 18.58 5.89 18.78
C THR C 159 17.46 5.35 17.87
N ALA C 160 16.51 6.21 17.51
CA ALA C 160 15.20 5.79 16.95
C ALA C 160 14.54 4.73 17.87
N ASP C 161 14.27 3.55 17.31
CA ASP C 161 13.72 2.43 18.07
C ASP C 161 14.67 1.25 17.95
N SER C 162 14.96 0.61 19.08
CA SER C 162 15.90 -0.50 19.15
C SER C 162 15.81 -1.24 20.48
N SER C 163 16.12 -2.52 20.45
CA SER C 163 16.52 -3.21 21.68
C SER C 163 18.03 -3.01 21.80
N TYR C 164 18.59 -3.29 22.97
CA TYR C 164 19.99 -2.97 23.26
C TYR C 164 21.01 -3.64 22.33
N GLN C 165 22.06 -2.91 21.98
CA GLN C 165 23.23 -3.48 21.32
C GLN C 165 24.48 -2.66 21.65
N ASP C 166 25.59 -3.36 21.92
CA ASP C 166 26.91 -2.75 22.13
C ASP C 166 27.31 -1.72 21.05
N SER C 167 26.83 -1.93 19.83
CA SER C 167 27.22 -1.10 18.69
C SER C 167 26.83 0.37 18.86
N PHE C 168 25.89 0.65 19.75
CA PHE C 168 25.46 2.01 20.05
C PHE C 168 26.53 2.85 20.73
N ILE C 169 27.31 2.24 21.61
CA ILE C 169 28.32 2.95 22.40
C ILE C 169 29.33 3.73 21.52
N PRO C 170 30.00 3.04 20.57
CA PRO C 170 30.95 3.78 19.72
C PRO C 170 30.24 4.69 18.72
N PHE C 171 29.02 4.33 18.34
CA PHE C 171 28.21 5.19 17.48
C PHE C 171 28.07 6.56 18.14
N SER C 172 27.64 6.56 19.40
CA SER C 172 27.26 7.79 20.09
C SER C 172 28.38 8.33 20.96
N GLU C 173 29.62 7.94 20.66
CA GLU C 173 30.80 8.38 21.43
C GLU C 173 30.93 9.90 21.49
N ASN C 174 31.19 10.40 22.70
CA ASN C 174 31.26 11.84 23.02
C ASN C 174 30.17 12.74 22.36
N ALA C 175 28.94 12.23 22.29
CA ALA C 175 27.77 12.99 21.82
C ALA C 175 27.33 14.00 22.90
N ASP C 176 27.01 15.23 22.48
CA ASP C 176 26.55 16.25 23.42
C ASP C 176 25.21 15.85 24.05
N LEU C 177 24.24 15.48 23.23
CA LEU C 177 22.96 15.01 23.72
C LEU C 177 22.65 13.66 23.12
N LEU C 178 22.23 12.73 23.98
CA LEU C 178 21.70 11.44 23.54
C LEU C 178 20.19 11.39 23.76
N ILE C 179 19.45 11.31 22.66
CA ILE C 179 18.00 11.10 22.68
C ILE C 179 17.76 9.61 22.48
N SER C 180 17.35 8.94 23.56
CA SER C 180 17.20 7.50 23.53
C SER C 180 15.76 7.10 23.75
N GLU C 181 15.31 6.11 22.99
CA GLU C 181 14.03 5.51 23.27
C GLU C 181 14.14 4.81 24.62
N CYS C 182 13.04 4.80 25.36
CA CYS C 182 12.99 4.21 26.70
C CYS C 182 11.55 3.79 26.93
N ASN C 183 11.15 2.73 26.25
CA ASN C 183 9.78 2.28 26.22
C ASN C 183 9.43 1.37 27.40
N PHE C 184 10.43 0.91 28.15
CA PHE C 184 10.19 0.02 29.28
C PHE C 184 10.90 0.48 30.56
N TYR C 185 10.46 -0.02 31.71
CA TYR C 185 11.11 0.29 33.01
C TYR C 185 12.20 -0.74 33.34
N ALA C 186 13.07 -0.39 34.28
CA ALA C 186 14.25 -1.21 34.66
C ALA C 186 13.97 -2.69 34.92
N ASP C 187 12.79 -3.01 35.44
CA ASP C 187 12.43 -4.40 35.75
C ASP C 187 11.69 -5.11 34.58
N GLN C 188 11.91 -4.62 33.36
CA GLN C 188 11.24 -5.15 32.17
C GLN C 188 12.22 -5.31 31.01
N ASP C 189 12.14 -6.46 30.32
CA ASP C 189 12.98 -6.69 29.14
C ASP C 189 12.27 -6.25 27.87
N GLY C 190 12.98 -5.44 27.07
CA GLY C 190 12.40 -4.85 25.87
C GLY C 190 12.70 -5.59 24.58
N THR C 191 13.44 -6.69 24.69
CA THR C 191 13.97 -7.35 23.50
C THR C 191 12.90 -7.75 22.47
N SER C 192 11.84 -8.43 22.92
CA SER C 192 10.82 -8.96 22.01
C SER C 192 10.11 -7.87 21.22
N ALA C 193 9.76 -6.77 21.89
CA ALA C 193 9.18 -5.59 21.22
C ALA C 193 10.19 -4.71 20.41
N GLY C 194 11.48 -5.02 20.53
CA GLY C 194 12.53 -4.26 19.85
C GLY C 194 12.82 -2.93 20.56
N HIS C 195 12.60 -2.90 21.87
CA HIS C 195 12.77 -1.66 22.64
C HIS C 195 13.78 -1.76 23.79
N MET C 196 14.07 -0.62 24.42
CA MET C 196 15.04 -0.54 25.51
C MET C 196 14.41 -0.05 26.79
N ASN C 197 14.99 -0.45 27.92
CA ASN C 197 14.57 0.08 29.21
C ASN C 197 15.50 1.19 29.67
N SER C 198 15.22 1.71 30.87
CA SER C 198 15.91 2.87 31.39
C SER C 198 17.35 2.60 31.76
N LEU C 199 17.65 1.39 32.24
CA LEU C 199 19.02 1.03 32.62
C LEU C 199 19.86 0.80 31.37
N GLU C 200 19.18 0.42 30.29
CA GLU C 200 19.82 0.23 28.99
C GLU C 200 20.14 1.58 28.32
N ALA C 201 19.21 2.53 28.43
CA ALA C 201 19.46 3.86 27.87
C ALA C 201 20.55 4.57 28.66
N GLY C 202 20.48 4.47 29.97
CA GLY C 202 21.51 4.99 30.90
C GLY C 202 22.89 4.41 30.63
N ARG C 203 22.95 3.09 30.39
CA ARG C 203 24.20 2.42 30.03
C ARG C 203 24.85 3.03 28.79
N ILE C 204 24.06 3.23 27.73
CA ILE C 204 24.57 3.81 26.48
C ILE C 204 25.20 5.18 26.72
N ALA C 205 24.53 6.04 27.49
CA ALA C 205 25.02 7.40 27.74
C ALA C 205 26.31 7.41 28.59
N LYS C 206 26.35 6.59 29.64
CA LYS C 206 27.53 6.46 30.50
C LYS C 206 28.75 5.92 29.76
N GLU C 207 28.55 4.88 28.94
CA GLU C 207 29.65 4.25 28.21
C GLU C 207 30.21 5.17 27.12
N ALA C 208 29.32 5.74 26.32
CA ALA C 208 29.69 6.65 25.23
C ALA C 208 30.11 8.03 25.71
N GLY C 209 29.88 8.32 26.98
CA GLY C 209 30.26 9.59 27.60
C GLY C 209 29.44 10.77 27.13
N ALA C 210 28.12 10.59 27.03
CA ALA C 210 27.21 11.64 26.60
C ALA C 210 27.08 12.75 27.64
N GLY C 211 26.91 13.98 27.18
CA GLY C 211 26.84 15.15 28.07
C GLY C 211 25.47 15.36 28.68
N GLU C 212 24.44 14.79 28.06
CA GLU C 212 23.05 14.96 28.50
C GLU C 212 22.23 13.81 27.91
N LEU C 213 21.25 13.34 28.66
CA LEU C 213 20.40 12.24 28.23
C LEU C 213 18.92 12.67 28.22
N LEU C 214 18.23 12.28 27.16
CA LEU C 214 16.81 12.58 27.02
C LEU C 214 16.07 11.28 26.70
N LEU C 215 15.21 10.87 27.62
CA LEU C 215 14.47 9.63 27.46
C LEU C 215 13.17 9.90 26.74
N THR C 216 12.97 9.18 25.65
CA THR C 216 11.82 9.36 24.78
C THR C 216 11.14 8.02 24.40
N HIS C 217 10.18 8.08 23.46
CA HIS C 217 9.37 6.92 22.98
C HIS C 217 8.64 6.24 24.15
N LEU C 218 7.99 7.07 24.94
CA LEU C 218 7.52 6.73 26.27
C LEU C 218 6.35 5.74 26.29
N PRO C 219 6.26 4.90 27.35
CA PRO C 219 5.14 3.96 27.47
C PRO C 219 3.86 4.57 28.04
N HIS C 220 2.75 3.85 27.89
CA HIS C 220 1.45 4.35 28.35
C HIS C 220 1.01 3.73 29.69
N PHE C 221 1.97 3.53 30.59
CA PHE C 221 1.67 3.09 31.95
C PHE C 221 2.79 3.54 32.88
N GLY C 222 2.65 3.23 34.17
CA GLY C 222 3.66 3.57 35.18
C GLY C 222 3.82 5.06 35.38
N VAL C 223 4.74 5.43 36.28
CA VAL C 223 5.04 6.82 36.57
C VAL C 223 6.30 7.15 35.77
N HIS C 224 6.15 8.04 34.79
CA HIS C 224 7.26 8.34 33.87
C HIS C 224 8.54 8.77 34.59
N ASP C 225 8.37 9.52 35.68
CA ASP C 225 9.50 10.08 36.40
C ASP C 225 10.46 9.00 36.93
N ASN C 226 9.95 7.79 37.11
CA ASN C 226 10.77 6.66 37.55
C ASN C 226 11.85 6.31 36.55
N LEU C 227 11.51 6.46 35.27
CA LEU C 227 12.45 6.21 34.18
C LEU C 227 13.66 7.12 34.32
N ARG C 228 13.40 8.41 34.61
CA ARG C 228 14.45 9.35 34.92
C ARG C 228 15.30 8.83 36.08
N LYS C 229 14.68 8.48 37.20
CA LYS C 229 15.43 8.04 38.38
C LYS C 229 16.24 6.77 38.11
N GLU C 230 15.61 5.77 37.49
CA GLU C 230 16.25 4.49 37.17
C GLU C 230 17.46 4.65 36.22
N ALA C 231 17.32 5.50 35.20
CA ALA C 231 18.46 5.83 34.34
C ALA C 231 19.54 6.54 35.15
N LYS C 232 19.13 7.47 36.02
CA LYS C 232 20.04 8.20 36.89
C LYS C 232 20.71 7.34 37.97
N THR C 233 20.47 6.03 37.96
CA THR C 233 21.26 5.11 38.80
C THR C 233 22.41 4.47 37.99
N VAL C 234 22.40 4.69 36.66
CA VAL C 234 23.44 4.17 35.75
C VAL C 234 24.24 5.32 35.08
N PHE C 235 23.54 6.39 34.70
CA PHE C 235 24.16 7.56 34.02
C PHE C 235 24.29 8.80 34.94
N SER C 236 25.59 9.29 34.98
CA SER C 236 25.92 10.34 35.95
C SER C 236 25.54 11.75 35.43
N GLY C 237 25.50 11.88 34.07
CA GLY C 237 25.08 13.16 33.48
C GLY C 237 23.60 13.47 33.72
N GLU C 238 23.12 14.59 33.14
CA GLU C 238 21.74 15.03 33.36
C GLU C 238 20.77 14.21 32.50
N VAL C 239 19.62 13.88 33.09
CA VAL C 239 18.61 12.98 32.52
C VAL C 239 17.22 13.58 32.64
N ASN C 240 16.50 13.60 31.52
CA ASN C 240 15.18 14.21 31.44
C ASN C 240 14.15 13.35 30.71
N ILE C 241 12.90 13.42 31.15
CA ILE C 241 11.80 12.83 30.41
C ILE C 241 11.34 13.81 29.33
N ALA C 242 11.24 13.33 28.09
CA ALA C 242 10.79 14.15 26.96
C ALA C 242 9.31 14.53 27.09
N LYS C 243 8.95 15.62 26.42
CA LYS C 243 7.61 16.22 26.46
C LYS C 243 7.54 17.16 25.27
N SER C 244 6.37 17.24 24.62
CA SER C 244 6.18 18.23 23.55
C SER C 244 6.60 19.62 24.05
N GLY C 245 7.53 20.24 23.32
CA GLY C 245 8.02 21.56 23.66
C GLY C 245 9.32 21.60 24.47
N PHE C 246 9.86 20.43 24.80
CA PHE C 246 11.21 20.35 25.38
C PHE C 246 12.21 20.83 24.35
N VAL C 247 13.12 21.70 24.79
CA VAL C 247 14.10 22.38 23.95
C VAL C 247 15.53 22.12 24.49
N TRP C 248 16.39 21.57 23.64
CA TRP C 248 17.81 21.42 23.97
C TRP C 248 18.64 22.29 23.05
N GLU C 249 19.70 22.87 23.61
CA GLU C 249 20.57 23.79 22.90
C GLU C 249 22.00 23.65 23.41
N PRO D 6 -29.80 11.16 25.03
CA PRO D 6 -29.57 12.48 24.40
C PRO D 6 -28.35 12.45 23.46
N MET D 7 -28.60 12.58 22.15
CA MET D 7 -27.56 12.45 21.15
C MET D 7 -26.59 13.62 21.17
N LYS D 8 -25.30 13.32 21.12
CA LYS D 8 -24.25 14.33 21.28
C LYS D 8 -23.12 14.17 20.25
N VAL D 9 -22.87 15.21 19.46
CA VAL D 9 -21.77 15.25 18.52
C VAL D 9 -20.71 16.22 19.02
N THR D 10 -19.46 15.76 19.14
CA THR D 10 -18.33 16.66 19.44
C THR D 10 -17.36 16.67 18.25
N VAL D 11 -16.98 17.87 17.83
CA VAL D 11 -16.02 18.03 16.75
C VAL D 11 -14.63 17.77 17.34
N ILE D 12 -13.93 16.80 16.75
CA ILE D 12 -12.57 16.45 17.14
C ILE D 12 -11.58 17.18 16.24
N GLY D 13 -11.85 17.18 14.93
CA GLY D 13 -10.98 17.82 13.95
C GLY D 13 -11.84 18.28 12.79
N CYS D 14 -11.45 19.39 12.16
CA CYS D 14 -12.34 20.04 11.19
C CYS D 14 -11.65 20.79 10.05
N TYR D 15 -10.32 20.76 10.02
CA TYR D 15 -9.59 21.35 8.90
C TYR D 15 -9.54 20.42 7.71
N GLY D 16 -9.64 21.00 6.52
CA GLY D 16 -9.48 20.22 5.30
C GLY D 16 -8.01 20.02 4.98
N GLY D 17 -7.67 18.85 4.46
CA GLY D 17 -6.34 18.63 3.90
C GLY D 17 -5.31 18.27 4.94
N PHE D 18 -5.10 19.15 5.92
CA PHE D 18 -4.00 19.04 6.88
C PHE D 18 -4.30 19.97 8.05
N PRO D 19 -3.65 19.75 9.22
CA PRO D 19 -4.06 20.57 10.37
C PRO D 19 -3.48 21.98 10.38
N ALA D 20 -4.27 22.95 10.83
CA ALA D 20 -3.70 24.23 11.30
C ALA D 20 -2.93 23.94 12.56
N ALA D 21 -2.10 24.89 12.97
CA ALA D 21 -1.34 24.78 14.22
C ALA D 21 -2.22 24.36 15.40
N ASN D 22 -1.81 23.31 16.11
CA ASN D 22 -2.53 22.79 17.29
C ASN D 22 -4.01 22.52 17.03
N GLU D 23 -4.37 22.25 15.77
CA GLU D 23 -5.73 21.79 15.41
C GLU D 23 -5.66 20.40 14.78
N ALA D 24 -6.72 20.00 14.07
CA ALA D 24 -6.85 18.64 13.57
C ALA D 24 -7.63 18.58 12.25
N THR D 25 -7.53 17.46 11.51
CA THR D 25 -8.40 17.27 10.33
C THR D 25 -9.66 16.44 10.68
N SER D 26 -10.46 16.05 9.68
CA SER D 26 -11.78 15.45 9.88
C SER D 26 -11.85 14.37 10.98
N GLY D 27 -12.65 14.66 12.01
CA GLY D 27 -12.90 13.73 13.11
C GLY D 27 -14.10 14.22 13.87
N TYR D 28 -15.07 13.33 14.07
CA TYR D 28 -16.30 13.66 14.82
C TYR D 28 -16.72 12.50 15.70
N LEU D 29 -16.96 12.83 16.97
CA LEU D 29 -17.38 11.89 17.99
C LEU D 29 -18.90 11.95 18.17
N PHE D 30 -19.57 10.85 17.83
CA PHE D 30 -21.00 10.72 18.02
C PHE D 30 -21.24 9.83 19.21
N GLN D 31 -22.03 10.34 20.15
CA GLN D 31 -22.29 9.67 21.40
C GLN D 31 -23.80 9.57 21.69
N SER D 32 -24.22 8.40 22.16
CA SER D 32 -25.58 8.15 22.60
C SER D 32 -25.55 7.14 23.73
N GLY D 33 -26.13 7.49 24.87
CA GLY D 33 -25.96 6.67 26.07
C GLY D 33 -24.49 6.30 26.23
N ASP D 34 -24.21 5.00 26.36
CA ASP D 34 -22.83 4.55 26.60
C ASP D 34 -22.02 4.30 25.32
N TYR D 35 -22.64 4.57 24.19
CA TYR D 35 -22.05 4.24 22.91
C TYR D 35 -21.20 5.41 22.33
N SER D 36 -20.06 5.06 21.73
CA SER D 36 -19.15 6.05 21.16
C SER D 36 -18.72 5.68 19.76
N LEU D 37 -19.09 6.53 18.80
CA LEU D 37 -18.79 6.32 17.39
C LEU D 37 -17.88 7.44 16.87
N LEU D 38 -16.73 7.06 16.33
CA LEU D 38 -15.88 8.04 15.70
C LEU D 38 -16.12 8.10 14.20
N VAL D 39 -16.51 9.28 13.71
CA VAL D 39 -16.72 9.48 12.26
C VAL D 39 -15.50 10.17 11.70
N ASP D 40 -14.78 9.42 10.87
CA ASP D 40 -13.53 9.81 10.25
C ASP D 40 -12.43 9.93 11.28
N CYS D 41 -11.18 9.73 10.84
CA CYS D 41 -10.07 9.62 11.76
C CYS D 41 -8.79 10.22 11.17
N GLY D 42 -8.87 11.52 10.86
CA GLY D 42 -7.76 12.28 10.25
C GLY D 42 -6.58 12.60 11.17
N SER D 43 -5.80 13.61 10.75
CA SER D 43 -4.57 14.00 11.41
C SER D 43 -4.84 14.71 12.72
N ALA D 44 -4.14 14.26 13.76
CA ALA D 44 -4.28 14.76 15.14
C ALA D 44 -5.59 14.38 15.85
N VAL D 45 -6.47 13.65 15.17
CA VAL D 45 -7.78 13.31 15.73
C VAL D 45 -7.66 12.45 17.01
N LEU D 46 -6.72 11.52 17.04
CA LEU D 46 -6.57 10.68 18.23
C LEU D 46 -6.17 11.48 19.43
N SER D 47 -5.15 12.30 19.24
CA SER D 47 -4.62 13.14 20.31
C SER D 47 -5.75 13.93 20.99
N LYS D 48 -6.64 14.52 20.19
CA LYS D 48 -7.76 15.28 20.75
C LYS D 48 -8.85 14.35 21.26
N LEU D 49 -9.15 13.30 20.49
CA LEU D 49 -10.18 12.34 20.85
C LEU D 49 -10.02 11.82 22.29
N PHE D 50 -8.77 11.51 22.65
CA PHE D 50 -8.47 10.94 23.94
C PHE D 50 -8.66 11.93 25.09
N GLY D 51 -8.83 13.20 24.75
CA GLY D 51 -9.29 14.19 25.72
C GLY D 51 -10.71 13.91 26.17
N TYR D 52 -11.52 13.34 25.28
CA TYR D 52 -12.96 13.13 25.54
C TYR D 52 -13.30 11.68 25.91
N VAL D 53 -12.61 10.73 25.26
CA VAL D 53 -12.88 9.31 25.46
C VAL D 53 -11.61 8.46 25.24
N PRO D 54 -11.30 7.54 26.17
CA PRO D 54 -10.12 6.69 25.96
C PRO D 54 -10.35 5.69 24.84
N ALA D 55 -9.27 5.19 24.26
CA ALA D 55 -9.34 4.18 23.17
C ALA D 55 -10.15 2.92 23.52
N GLU D 56 -9.95 2.38 24.72
CA GLU D 56 -10.63 1.15 25.14
C GLU D 56 -12.16 1.31 25.21
N LYS D 57 -12.64 2.56 25.25
CA LYS D 57 -14.07 2.83 25.40
C LYS D 57 -14.73 3.25 24.09
N LEU D 58 -13.96 3.30 23.02
CA LEU D 58 -14.47 3.56 21.69
C LEU D 58 -15.18 2.30 21.14
N ASP D 59 -16.41 2.46 20.66
CA ASP D 59 -17.22 1.33 20.19
C ASP D 59 -17.07 1.07 18.70
N ALA D 60 -16.96 2.13 17.91
CA ALA D 60 -16.86 1.93 16.48
C ALA D 60 -16.22 3.11 15.82
N VAL D 61 -15.71 2.88 14.61
CA VAL D 61 -15.23 3.95 13.76
C VAL D 61 -15.92 3.76 12.43
N ILE D 62 -16.28 4.86 11.78
CA ILE D 62 -16.71 4.78 10.39
C ILE D 62 -16.00 5.82 9.54
N LEU D 63 -15.61 5.42 8.33
CA LEU D 63 -14.79 6.24 7.47
C LEU D 63 -15.52 6.57 6.16
N SER D 64 -15.57 7.85 5.85
CA SER D 64 -16.31 8.33 4.71
C SER D 64 -15.53 8.01 3.44
N HIS D 65 -14.22 8.19 3.50
CA HIS D 65 -13.38 7.85 2.36
C HIS D 65 -11.92 7.76 2.77
N TYR D 66 -11.10 7.30 1.85
CA TYR D 66 -9.71 7.00 2.15
C TYR D 66 -8.70 8.14 1.84
N HIS D 67 -9.10 9.38 2.01
CA HIS D 67 -8.12 10.45 1.83
C HIS D 67 -7.30 10.63 3.13
N HIS D 68 -6.02 10.97 3.00
CA HIS D 68 -5.13 11.12 4.15
C HIS D 68 -5.77 11.87 5.31
N ASP D 69 -6.53 12.92 5.01
CA ASP D 69 -7.10 13.79 6.05
C ASP D 69 -8.30 13.20 6.79
N HIS D 70 -8.68 11.97 6.44
CA HIS D 70 -9.79 11.24 7.09
C HIS D 70 -9.33 9.91 7.69
N ILE D 71 -8.09 9.52 7.40
CA ILE D 71 -7.61 8.20 7.80
C ILE D 71 -6.18 8.14 8.38
N ALA D 72 -5.46 9.26 8.40
CA ALA D 72 -4.06 9.24 8.82
C ALA D 72 -3.83 8.62 10.20
N ASP D 73 -4.75 8.82 11.15
CA ASP D 73 -4.56 8.27 12.48
C ASP D 73 -5.05 6.79 12.64
N ILE D 74 -5.53 6.18 11.57
CA ILE D 74 -5.99 4.78 11.66
C ILE D 74 -4.90 3.82 12.18
N GLY D 75 -3.69 3.94 11.64
CA GLY D 75 -2.56 3.14 12.05
C GLY D 75 -2.27 3.31 13.54
N PRO D 76 -2.06 4.56 13.99
CA PRO D 76 -1.88 4.80 15.42
C PRO D 76 -3.04 4.29 16.30
N LEU D 77 -4.26 4.31 15.76
CA LEU D 77 -5.39 3.77 16.52
C LEU D 77 -5.27 2.25 16.73
N GLN D 78 -4.74 1.58 15.73
CA GLN D 78 -4.60 0.14 15.76
C GLN D 78 -3.54 -0.22 16.80
N PHE D 79 -2.47 0.58 16.84
CA PHE D 79 -1.45 0.43 17.89
C PHE D 79 -2.05 0.72 19.25
N ALA D 80 -2.88 1.76 19.35
CA ALA D 80 -3.56 2.08 20.59
C ALA D 80 -4.36 0.89 21.12
N LYS D 81 -5.20 0.29 20.27
CA LYS D 81 -5.99 -0.87 20.61
C LYS D 81 -5.12 -2.05 21.02
N GLN D 82 -3.98 -2.20 20.33
CA GLN D 82 -3.06 -3.30 20.63
C GLN D 82 -2.45 -3.15 22.05
N VAL D 83 -1.95 -1.96 22.35
CA VAL D 83 -1.38 -1.67 23.67
C VAL D 83 -2.47 -1.74 24.75
N GLY D 84 -3.64 -1.16 24.48
CA GLY D 84 -4.80 -1.32 25.36
C GLY D 84 -5.01 -2.78 25.77
N SER D 85 -5.05 -3.65 24.78
CA SER D 85 -5.25 -5.08 24.97
C SER D 85 -4.11 -5.75 25.78
N PHE D 86 -2.87 -5.47 25.38
CA PHE D 86 -1.70 -5.93 26.10
C PHE D 86 -1.75 -5.51 27.56
N LEU D 87 -2.26 -4.31 27.82
CA LEU D 87 -2.30 -3.77 29.19
C LEU D 87 -3.52 -4.20 30.02
N GLY D 88 -4.34 -5.09 29.47
CA GLY D 88 -5.53 -5.60 30.18
C GLY D 88 -6.74 -4.67 30.21
N LYS D 89 -6.86 -3.78 29.22
CA LYS D 89 -7.97 -2.83 29.19
C LYS D 89 -9.20 -3.31 28.39
N GLY D 90 -9.06 -4.45 27.72
CA GLY D 90 -10.19 -5.11 27.10
C GLY D 90 -9.84 -5.72 25.76
N GLU D 91 -10.47 -6.84 25.45
CA GLU D 91 -10.18 -7.60 24.22
C GLU D 91 -11.18 -7.35 23.11
N HIS D 92 -12.09 -6.40 23.33
CA HIS D 92 -13.07 -6.04 22.33
C HIS D 92 -12.37 -5.60 21.04
N THR D 93 -12.73 -6.23 19.93
CA THR D 93 -12.20 -5.87 18.62
C THR D 93 -12.96 -4.65 18.08
N LEU D 94 -12.27 -3.56 17.85
CA LEU D 94 -12.88 -2.34 17.34
C LEU D 94 -13.27 -2.47 15.86
N PRO D 95 -14.58 -2.41 15.59
CA PRO D 95 -15.00 -2.39 14.19
C PRO D 95 -14.71 -1.04 13.57
N ILE D 96 -14.09 -1.07 12.40
CA ILE D 96 -13.95 0.10 11.55
C ILE D 96 -14.75 -0.14 10.28
N TYR D 97 -15.81 0.64 10.11
CA TYR D 97 -16.65 0.55 8.93
C TYR D 97 -16.10 1.40 7.80
N GLY D 98 -16.16 0.86 6.59
CA GLY D 98 -15.71 1.59 5.41
C GLY D 98 -16.26 0.97 4.16
N HIS D 99 -16.11 1.62 3.01
CA HIS D 99 -16.51 0.97 1.77
C HIS D 99 -15.35 0.07 1.33
N ASP D 100 -15.66 -1.03 0.64
CA ASP D 100 -14.64 -2.03 0.30
C ASP D 100 -14.26 -2.11 -1.19
N ALA D 101 -14.80 -1.18 -1.98
CA ALA D 101 -14.43 -1.07 -3.40
C ALA D 101 -12.96 -0.68 -3.56
N ASP D 102 -12.43 0.11 -2.63
CA ASP D 102 -11.00 0.31 -2.58
C ASP D 102 -10.36 -0.79 -1.74
N ILE D 103 -9.99 -1.86 -2.41
CA ILE D 103 -9.60 -3.10 -1.79
C ILE D 103 -8.43 -2.93 -0.82
N GLU D 104 -7.32 -2.40 -1.31
CA GLU D 104 -6.12 -2.25 -0.47
C GLU D 104 -6.33 -1.35 0.72
N GLN D 105 -7.01 -0.22 0.55
CA GLN D 105 -7.35 0.62 1.70
C GLN D 105 -8.21 -0.11 2.74
N PHE D 106 -9.18 -0.90 2.28
CA PHE D 106 -10.10 -1.62 3.18
C PHE D 106 -9.42 -2.73 4.00
N GLN D 107 -8.54 -3.48 3.35
CA GLN D 107 -7.70 -4.50 3.98
C GLN D 107 -6.90 -3.91 5.14
N LYS D 108 -6.55 -2.63 5.04
CA LYS D 108 -5.70 -2.01 6.07
C LYS D 108 -6.45 -1.74 7.37
N LEU D 109 -7.77 -1.93 7.34
CA LEU D 109 -8.60 -1.60 8.50
C LEU D 109 -8.55 -2.69 9.53
N THR D 110 -8.08 -3.86 9.11
CA THR D 110 -8.05 -5.02 9.97
C THR D 110 -6.64 -5.16 10.46
N TYR D 111 -6.48 -5.34 11.76
CA TYR D 111 -5.18 -5.42 12.39
C TYR D 111 -5.28 -6.43 13.51
N LYS D 112 -4.61 -7.56 13.33
CA LYS D 112 -4.68 -8.67 14.29
C LYS D 112 -6.12 -8.87 14.79
N THR D 113 -6.27 -8.93 16.11
CA THR D 113 -7.58 -9.07 16.76
C THR D 113 -8.00 -7.74 17.38
N HIS D 114 -7.33 -6.66 16.97
CA HIS D 114 -7.49 -5.37 17.62
C HIS D 114 -8.45 -4.44 16.91
N THR D 115 -8.41 -4.39 15.58
CA THR D 115 -9.47 -3.73 14.83
C THR D 115 -9.88 -4.66 13.70
N LYS D 116 -11.12 -4.48 13.26
CA LYS D 116 -11.72 -5.27 12.20
C LYS D 116 -12.41 -4.36 11.20
N GLY D 117 -11.98 -4.39 9.92
CA GLY D 117 -12.67 -3.71 8.85
C GLY D 117 -13.99 -4.40 8.54
N ILE D 118 -15.09 -3.65 8.50
CA ILE D 118 -16.38 -4.22 8.13
C ILE D 118 -16.89 -3.34 7.02
N ALA D 119 -17.40 -3.93 5.95
CA ALA D 119 -17.82 -3.16 4.79
C ALA D 119 -19.21 -2.68 5.03
N PHE D 120 -19.46 -1.38 4.86
CA PHE D 120 -20.83 -0.87 4.85
C PHE D 120 -21.43 -0.94 3.46
N GLN D 121 -22.73 -1.18 3.41
CA GLN D 121 -23.44 -1.27 2.15
C GLN D 121 -24.12 0.06 1.84
N PRO D 122 -23.68 0.77 0.78
CA PRO D 122 -24.23 2.10 0.49
C PRO D 122 -25.77 2.16 0.41
N ASP D 123 -26.39 1.12 -0.12
CA ASP D 123 -27.84 1.08 -0.33
C ASP D 123 -28.64 0.38 0.80
N GLN D 124 -27.95 -0.03 1.87
CA GLN D 124 -28.58 -0.64 3.04
C GLN D 124 -28.32 0.23 4.28
N PRO D 125 -29.25 0.25 5.24
CA PRO D 125 -28.97 0.95 6.50
C PRO D 125 -27.98 0.19 7.35
N LEU D 126 -27.17 0.91 8.13
CA LEU D 126 -26.19 0.26 9.00
C LEU D 126 -26.51 0.55 10.44
N THR D 127 -26.55 -0.51 11.26
CA THR D 127 -26.78 -0.42 12.68
C THR D 127 -25.45 -0.37 13.43
N ALA D 128 -25.25 0.72 14.14
CA ALA D 128 -24.06 0.89 14.97
C ALA D 128 -24.53 1.30 16.35
N GLY D 129 -24.64 0.32 17.25
CA GLY D 129 -25.11 0.58 18.60
C GLY D 129 -26.53 1.09 18.51
N PRO D 130 -26.82 2.25 19.13
CA PRO D 130 -28.15 2.88 19.03
C PRO D 130 -28.37 3.70 17.75
N PHE D 131 -27.35 3.75 16.90
CA PHE D 131 -27.40 4.52 15.67
C PHE D 131 -27.82 3.71 14.43
N THR D 132 -28.58 4.35 13.55
CA THR D 132 -28.88 3.83 12.23
C THR D 132 -28.29 4.82 11.22
N ILE D 133 -27.39 4.30 10.39
CA ILE D 133 -26.64 5.11 9.43
C ILE D 133 -27.04 4.77 7.99
N THR D 134 -27.42 5.80 7.24
CA THR D 134 -27.63 5.65 5.80
C THR D 134 -26.57 6.46 5.04
N PHE D 135 -26.44 6.17 3.75
CA PHE D 135 -25.30 6.62 2.95
C PHE D 135 -25.71 7.21 1.61
N LEU D 136 -24.96 8.24 1.17
CA LEU D 136 -25.19 8.85 -0.15
C LEU D 136 -23.84 9.09 -0.79
N LYS D 137 -23.66 8.53 -1.99
CA LYS D 137 -22.39 8.64 -2.69
C LYS D 137 -22.15 10.10 -3.09
N THR D 138 -20.95 10.60 -2.79
CA THR D 138 -20.64 11.99 -3.08
C THR D 138 -19.97 12.19 -4.46
N ILE D 139 -19.77 13.46 -4.83
CA ILE D 139 -18.99 13.77 -6.03
C ILE D 139 -17.61 14.26 -5.59
N HIS D 140 -16.63 13.38 -5.71
CA HIS D 140 -15.30 13.58 -5.14
C HIS D 140 -14.31 12.76 -5.96
N PRO D 141 -13.02 13.14 -5.98
CA PRO D 141 -12.12 12.43 -6.90
C PRO D 141 -11.91 10.97 -6.49
N VAL D 142 -12.20 10.62 -5.24
CA VAL D 142 -12.28 9.20 -4.84
C VAL D 142 -13.69 8.86 -4.34
N THR D 143 -13.91 7.55 -4.20
CA THR D 143 -15.16 7.03 -3.69
C THR D 143 -15.40 7.54 -2.26
N CYS D 144 -16.54 8.21 -2.07
CA CYS D 144 -16.84 8.85 -0.80
C CYS D 144 -18.33 8.81 -0.48
N TYR D 145 -18.67 8.67 0.80
CA TYR D 145 -20.07 8.65 1.22
C TYR D 145 -20.39 9.62 2.32
N ALA D 146 -21.41 10.44 2.08
CA ALA D 146 -22.06 11.20 3.14
C ALA D 146 -22.89 10.26 4.04
N MET D 147 -23.18 10.70 5.26
CA MET D 147 -23.91 9.87 6.21
C MET D 147 -25.11 10.56 6.85
N ARG D 148 -26.24 9.87 6.92
CA ARG D 148 -27.35 10.27 7.80
C ARG D 148 -27.31 9.39 9.05
N ILE D 149 -27.17 10.01 10.21
CA ILE D 149 -27.00 9.29 11.47
C ILE D 149 -28.12 9.66 12.44
N THR D 150 -28.96 8.68 12.77
CA THR D 150 -30.11 8.89 13.65
C THR D 150 -30.13 7.89 14.78
N ASP D 151 -30.52 8.36 15.98
CA ASP D 151 -30.75 7.47 17.11
C ASP D 151 -32.24 7.18 17.31
N GLY D 152 -33.06 7.65 16.36
CA GLY D 152 -34.52 7.55 16.49
C GLY D 152 -35.20 8.83 17.00
N SER D 153 -34.43 9.67 17.68
CA SER D 153 -34.97 10.95 18.21
C SER D 153 -34.49 12.15 17.40
N HIS D 154 -33.19 12.18 17.13
CA HIS D 154 -32.56 13.27 16.41
C HIS D 154 -31.77 12.74 15.21
N THR D 155 -31.58 13.59 14.21
CA THR D 155 -30.88 13.16 13.00
C THR D 155 -29.79 14.16 12.61
N VAL D 156 -28.58 13.63 12.42
CA VAL D 156 -27.44 14.43 11.99
C VAL D 156 -26.99 13.89 10.64
N VAL D 157 -26.77 14.81 9.70
CA VAL D 157 -26.22 14.47 8.40
C VAL D 157 -24.82 15.09 8.25
N TYR D 158 -23.89 14.27 7.77
CA TYR D 158 -22.51 14.66 7.52
C TYR D 158 -22.29 14.51 6.01
N THR D 159 -21.88 15.59 5.37
CA THR D 159 -21.73 15.58 3.93
C THR D 159 -20.51 14.80 3.54
N ALA D 160 -19.58 14.59 4.49
CA ALA D 160 -18.22 14.19 4.13
C ALA D 160 -17.67 15.22 3.08
N ASP D 161 -16.89 14.78 2.10
CA ASP D 161 -16.38 15.66 1.05
C ASP D 161 -17.18 15.50 -0.24
N SER D 162 -17.51 16.62 -0.88
CA SER D 162 -18.28 16.61 -2.12
C SER D 162 -18.35 18.00 -2.71
N SER D 163 -18.44 18.05 -4.05
CA SER D 163 -18.95 19.22 -4.73
C SER D 163 -20.47 19.10 -4.72
N TYR D 164 -21.17 20.20 -5.02
CA TYR D 164 -22.61 20.22 -4.89
C TYR D 164 -23.33 19.25 -5.85
N GLN D 165 -24.33 18.58 -5.29
CA GLN D 165 -25.33 17.82 -6.06
C GLN D 165 -26.72 17.99 -5.43
N ASP D 166 -27.73 18.18 -6.29
CA ASP D 166 -29.14 18.20 -5.87
C ASP D 166 -29.54 17.04 -4.93
N SER D 167 -28.88 15.88 -5.07
CA SER D 167 -29.27 14.71 -4.28
C SER D 167 -29.03 14.86 -2.77
N PHE D 168 -28.35 15.92 -2.36
CA PHE D 168 -28.10 16.17 -0.93
C PHE D 168 -29.33 16.63 -0.18
N ILE D 169 -30.27 17.23 -0.90
CA ILE D 169 -31.48 17.79 -0.30
C ILE D 169 -32.47 16.73 0.25
N PRO D 170 -32.94 15.80 -0.62
CA PRO D 170 -33.79 14.74 -0.04
C PRO D 170 -33.06 13.90 1.00
N PHE D 171 -31.80 13.58 0.75
CA PHE D 171 -30.99 12.83 1.68
C PHE D 171 -30.93 13.54 3.05
N SER D 172 -30.89 14.86 3.05
CA SER D 172 -30.75 15.61 4.30
C SER D 172 -32.07 16.07 4.89
N GLU D 173 -33.18 15.75 4.22
CA GLU D 173 -34.54 16.23 4.61
C GLU D 173 -34.82 16.20 6.11
N ASN D 174 -35.21 17.36 6.65
CA ASN D 174 -35.51 17.56 8.08
C ASN D 174 -34.45 17.07 9.08
N ALA D 175 -33.17 17.12 8.71
CA ALA D 175 -32.13 16.83 9.70
C ALA D 175 -32.16 17.90 10.79
N ASP D 176 -31.77 17.52 12.01
CA ASP D 176 -31.67 18.50 13.09
C ASP D 176 -30.36 19.26 12.97
N LEU D 177 -29.32 18.58 12.52
CA LEU D 177 -28.04 19.21 12.31
C LEU D 177 -27.40 18.77 11.00
N LEU D 178 -27.11 19.74 10.14
CA LEU D 178 -26.39 19.46 8.90
C LEU D 178 -24.94 19.89 9.00
N ILE D 179 -24.05 18.90 9.00
CA ILE D 179 -22.62 19.13 8.99
C ILE D 179 -22.14 19.08 7.54
N SER D 180 -21.79 20.23 7.02
CA SER D 180 -21.35 20.31 5.65
C SER D 180 -19.90 20.74 5.58
N GLU D 181 -19.15 20.08 4.72
CA GLU D 181 -17.87 20.60 4.29
C GLU D 181 -18.07 21.96 3.64
N CYS D 182 -17.11 22.85 3.84
CA CYS D 182 -17.18 24.21 3.32
C CYS D 182 -15.77 24.70 3.01
N ASN D 183 -15.17 24.12 1.98
CA ASN D 183 -13.76 24.34 1.69
C ASN D 183 -13.48 25.67 0.96
N PHE D 184 -14.55 26.31 0.45
CA PHE D 184 -14.41 27.51 -0.38
C PHE D 184 -15.42 28.62 -0.02
N TYR D 185 -15.05 29.86 -0.32
CA TYR D 185 -15.91 31.02 -0.03
C TYR D 185 -16.90 31.21 -1.19
N ALA D 186 -17.88 32.07 -0.99
CA ALA D 186 -18.90 32.39 -2.01
C ALA D 186 -18.39 32.73 -3.42
N ASP D 187 -17.21 33.34 -3.52
CA ASP D 187 -16.70 33.80 -4.83
C ASP D 187 -15.91 32.74 -5.60
N GLN D 188 -15.89 31.51 -5.06
CA GLN D 188 -15.10 30.40 -5.61
C GLN D 188 -15.97 29.19 -5.89
N ASP D 189 -15.70 28.52 -7.02
CA ASP D 189 -16.32 27.24 -7.37
C ASP D 189 -15.35 26.11 -7.03
N GLY D 190 -15.85 25.10 -6.33
CA GLY D 190 -15.03 23.98 -5.91
C GLY D 190 -15.18 22.70 -6.70
N THR D 191 -15.93 22.75 -7.80
CA THR D 191 -16.23 21.53 -8.56
C THR D 191 -14.99 20.68 -8.90
N SER D 192 -13.95 21.31 -9.44
CA SER D 192 -12.73 20.62 -9.88
C SER D 192 -12.04 19.88 -8.75
N ALA D 193 -12.14 20.42 -7.54
CA ALA D 193 -11.51 19.78 -6.40
C ALA D 193 -12.44 18.80 -5.67
N GLY D 194 -13.72 18.83 -6.02
CA GLY D 194 -14.73 17.99 -5.38
C GLY D 194 -15.11 18.52 -4.00
N HIS D 195 -15.26 19.83 -3.89
CA HIS D 195 -15.67 20.47 -2.63
C HIS D 195 -16.78 21.49 -2.85
N MET D 196 -17.33 21.99 -1.74
CA MET D 196 -18.39 22.99 -1.81
C MET D 196 -17.99 24.35 -1.24
N ASN D 197 -18.76 25.37 -1.60
CA ASN D 197 -18.63 26.67 -0.93
C ASN D 197 -19.74 26.95 0.09
N SER D 198 -19.73 28.16 0.63
CA SER D 198 -20.62 28.54 1.72
C SER D 198 -22.06 28.71 1.25
N LEU D 199 -22.25 29.25 0.06
CA LEU D 199 -23.57 29.37 -0.55
C LEU D 199 -24.17 28.00 -0.76
N GLU D 200 -23.34 27.04 -1.18
CA GLU D 200 -23.75 25.68 -1.50
C GLU D 200 -24.10 24.85 -0.24
N ALA D 201 -23.34 25.05 0.84
CA ALA D 201 -23.69 24.41 2.10
C ALA D 201 -25.01 25.03 2.61
N GLY D 202 -25.08 26.36 2.54
CA GLY D 202 -26.28 27.09 2.94
C GLY D 202 -27.55 26.65 2.23
N ARG D 203 -27.42 26.41 0.92
CA ARG D 203 -28.53 25.97 0.06
C ARG D 203 -29.07 24.59 0.44
N ILE D 204 -28.18 23.66 0.76
CA ILE D 204 -28.63 22.34 1.22
C ILE D 204 -29.44 22.52 2.51
N ALA D 205 -28.89 23.30 3.44
CA ALA D 205 -29.54 23.52 4.73
C ALA D 205 -30.93 24.14 4.61
N LYS D 206 -31.13 25.10 3.69
CA LYS D 206 -32.44 25.73 3.51
C LYS D 206 -33.48 24.81 2.90
N GLU D 207 -33.07 24.10 1.85
CA GLU D 207 -33.98 23.27 1.06
C GLU D 207 -34.33 21.95 1.76
N ALA D 208 -33.36 21.41 2.50
CA ALA D 208 -33.61 20.23 3.31
C ALA D 208 -34.48 20.54 4.54
N GLY D 209 -34.50 21.82 4.94
CA GLY D 209 -35.22 22.23 6.14
C GLY D 209 -34.48 21.82 7.40
N ALA D 210 -33.15 21.79 7.31
CA ALA D 210 -32.27 21.51 8.44
C ALA D 210 -32.50 22.45 9.61
N GLY D 211 -32.50 21.90 10.82
CA GLY D 211 -32.60 22.69 12.03
C GLY D 211 -31.42 23.59 12.32
N GLU D 212 -30.23 23.16 11.94
CA GLU D 212 -28.99 23.86 12.25
C GLU D 212 -27.89 23.52 11.24
N LEU D 213 -27.03 24.49 10.96
CA LEU D 213 -25.90 24.31 10.02
C LEU D 213 -24.56 24.41 10.73
N LEU D 214 -23.66 23.49 10.39
CA LEU D 214 -22.32 23.46 10.94
C LEU D 214 -21.29 23.32 9.82
N LEU D 215 -20.52 24.38 9.61
CA LEU D 215 -19.59 24.43 8.50
C LEU D 215 -18.23 23.89 8.94
N THR D 216 -17.74 22.89 8.21
CA THR D 216 -16.48 22.22 8.53
C THR D 216 -15.57 21.98 7.31
N HIS D 217 -14.57 21.11 7.46
CA HIS D 217 -13.54 20.84 6.45
C HIS D 217 -12.95 22.18 5.96
N LEU D 218 -12.50 23.00 6.92
CA LEU D 218 -12.18 24.41 6.69
C LEU D 218 -10.93 24.65 5.81
N PRO D 219 -10.90 25.79 5.11
CA PRO D 219 -9.71 26.13 4.32
C PRO D 219 -8.60 26.83 5.11
N HIS D 220 -7.41 26.88 4.50
CA HIS D 220 -6.24 27.46 5.13
C HIS D 220 -5.93 28.90 4.66
N PHE D 221 -6.96 29.58 4.16
CA PHE D 221 -6.84 30.98 3.74
C PHE D 221 -8.13 31.71 4.08
N GLY D 222 -8.03 33.04 4.13
CA GLY D 222 -9.17 33.91 4.42
C GLY D 222 -9.66 33.83 5.85
N VAL D 223 -10.55 34.75 6.22
CA VAL D 223 -11.16 34.80 7.55
C VAL D 223 -12.31 33.81 7.54
N HIS D 224 -12.26 32.85 8.46
CA HIS D 224 -13.25 31.77 8.53
C HIS D 224 -14.67 32.28 8.77
N ASP D 225 -14.79 33.31 9.60
CA ASP D 225 -16.10 33.83 9.99
C ASP D 225 -16.94 34.35 8.81
N ASN D 226 -16.29 34.79 7.73
CA ASN D 226 -16.97 35.15 6.48
C ASN D 226 -17.83 34.04 5.88
N LEU D 227 -17.46 32.78 6.15
CA LEU D 227 -18.18 31.61 5.64
C LEU D 227 -19.53 31.45 6.33
N ARG D 228 -19.56 31.83 7.61
CA ARG D 228 -20.78 31.89 8.40
C ARG D 228 -21.74 32.93 7.80
N LYS D 229 -21.22 34.11 7.49
CA LYS D 229 -22.06 35.19 6.98
C LYS D 229 -22.55 34.92 5.55
N GLU D 230 -21.69 34.33 4.73
CA GLU D 230 -22.05 33.98 3.35
C GLU D 230 -23.16 32.93 3.31
N ALA D 231 -23.00 31.88 4.11
CA ALA D 231 -24.00 30.83 4.24
C ALA D 231 -25.30 31.40 4.81
N LYS D 232 -25.18 32.34 5.74
CA LYS D 232 -26.35 33.01 6.36
C LYS D 232 -27.22 33.87 5.44
N THR D 233 -26.72 34.21 4.24
CA THR D 233 -27.51 34.96 3.26
C THR D 233 -28.42 34.05 2.42
N VAL D 234 -28.22 32.73 2.54
CA VAL D 234 -29.07 31.73 1.88
C VAL D 234 -29.90 30.95 2.90
N PHE D 235 -29.31 30.68 4.07
CA PHE D 235 -29.94 29.88 5.12
C PHE D 235 -30.27 30.74 6.35
N SER D 236 -31.54 30.69 6.78
CA SER D 236 -32.02 31.54 7.88
C SER D 236 -31.77 30.93 9.26
N GLY D 237 -31.47 29.63 9.30
CA GLY D 237 -31.22 28.92 10.57
C GLY D 237 -29.90 29.28 11.24
N GLU D 238 -29.59 28.63 12.38
CA GLU D 238 -28.36 28.89 13.11
C GLU D 238 -27.16 28.30 12.38
N VAL D 239 -26.10 29.09 12.26
CA VAL D 239 -24.88 28.70 11.53
C VAL D 239 -23.62 28.86 12.40
N ASN D 240 -22.79 27.82 12.42
CA ASN D 240 -21.53 27.83 13.17
C ASN D 240 -20.36 27.31 12.36
N ILE D 241 -19.19 27.89 12.61
CA ILE D 241 -17.93 27.36 12.12
C ILE D 241 -17.48 26.28 13.10
N ALA D 242 -17.14 25.13 12.56
CA ALA D 242 -16.56 24.03 13.34
C ALA D 242 -15.22 24.43 13.96
N LYS D 243 -15.01 23.94 15.18
CA LYS D 243 -13.72 24.02 15.89
C LYS D 243 -13.57 22.75 16.74
N SER D 244 -12.34 22.28 16.92
CA SER D 244 -12.06 21.27 17.96
C SER D 244 -12.79 21.67 19.25
N GLY D 245 -13.60 20.74 19.78
CA GLY D 245 -14.32 20.95 21.04
C GLY D 245 -15.75 21.47 20.92
N PHE D 246 -16.15 21.90 19.72
CA PHE D 246 -17.52 22.31 19.45
C PHE D 246 -18.49 21.15 19.72
N VAL D 247 -19.58 21.43 20.42
CA VAL D 247 -20.53 20.40 20.87
C VAL D 247 -21.93 20.69 20.34
N TRP D 248 -22.59 19.68 19.76
CA TRP D 248 -24.03 19.74 19.47
C TRP D 248 -24.74 18.69 20.31
N GLU D 249 -25.89 19.05 20.90
CA GLU D 249 -26.65 18.07 21.71
C GLU D 249 -28.06 17.75 21.19
ZN ZN E . -10.63 -6.34 -15.01
ZN ZN F . -11.70 -4.24 -13.00
ZN ZN G . 13.53 -12.81 -5.15
ZN ZN H . 13.96 -10.92 -2.89
ZN ZN I . 8.27 3.51 17.30
ZN ZN J . 9.00 1.19 15.67
ZN ZN K . -11.17 15.71 2.97
ZN ZN L . -11.38 14.06 0.36
#